data_4GRD
#
_entry.id   4GRD
#
_cell.length_a   116.510
_cell.length_b   117.180
_cell.length_c   122.310
_cell.angle_alpha   90.00
_cell.angle_beta   90.00
_cell.angle_gamma   90.00
#
_symmetry.space_group_name_H-M   'I 2 2 2'
#
loop_
_entity.id
_entity.type
_entity.pdbx_description
1 polymer 'Phosphoribosylaminoimidazole carboxylase catalytic subunit'
2 water water
#
_entity_poly.entity_id   1
_entity_poly.type   'polypeptide(L)'
_entity_poly.pdbx_seq_one_letter_code
;MSEIQTAHTHSAPLVGVLMGSSSDWDVMKHAVAILQEFGVPYEAKVVSAHRMPDEMFDYAEKARERGLRAIIAGAGGAAH
LPGMLAAKTTVPVLGVPVASKYLKGVDSLHSIVQMPKGVPVATFAIGEAGAANAALFAVSILSGNSVDYANRLAAFRVRQ
NEAAHAMVLPPLE
;
_entity_poly.pdbx_strand_id   A,B,C,D
#
# COMPACT_ATOMS: atom_id res chain seq x y z
N THR A 6 -3.93 -5.18 -28.82
CA THR A 6 -4.28 -4.73 -30.21
C THR A 6 -4.95 -3.35 -30.12
N ALA A 7 -6.04 -3.25 -29.37
CA ALA A 7 -6.54 -1.96 -28.92
C ALA A 7 -5.44 -1.43 -28.01
N HIS A 8 -5.12 -0.12 -28.11
CA HIS A 8 -4.29 0.58 -27.09
C HIS A 8 -2.81 0.29 -27.13
N THR A 9 -2.26 0.28 -28.34
CA THR A 9 -0.83 0.08 -28.55
C THR A 9 -0.30 1.21 -29.42
N HIS A 10 1.00 1.44 -29.32
CA HIS A 10 1.68 2.41 -30.15
C HIS A 10 3.12 2.02 -30.27
N SER A 11 3.72 2.35 -31.41
CA SER A 11 5.14 2.05 -31.63
C SER A 11 6.07 3.03 -30.87
N ALA A 12 5.52 4.17 -30.44
CA ALA A 12 6.28 5.21 -29.76
C ALA A 12 5.39 5.96 -28.73
N PRO A 13 4.90 5.24 -27.75
CA PRO A 13 4.00 5.88 -26.79
C PRO A 13 4.72 6.91 -25.92
N LEU A 14 4.01 7.97 -25.55
CA LEU A 14 4.54 8.93 -24.60
C LEU A 14 3.97 8.69 -23.20
N VAL A 15 2.82 8.02 -23.13
CA VAL A 15 2.18 7.73 -21.83
C VAL A 15 1.75 6.27 -21.82
N GLY A 16 2.05 5.58 -20.73
CA GLY A 16 1.55 4.24 -20.49
C GLY A 16 0.48 4.26 -19.42
N VAL A 17 -0.62 3.56 -19.66
CA VAL A 17 -1.73 3.43 -18.71
C VAL A 17 -1.80 1.97 -18.26
N LEU A 18 -1.50 1.73 -17.00
CA LEU A 18 -1.40 0.37 -16.46
C LEU A 18 -2.43 0.14 -15.36
N MET A 19 -2.86 -1.11 -15.20
CA MET A 19 -3.77 -1.47 -14.13
C MET A 19 -3.59 -2.98 -13.89
N GLY A 20 -3.94 -3.44 -12.69
CA GLY A 20 -3.70 -4.83 -12.31
C GLY A 20 -4.69 -5.83 -12.87
N SER A 21 -5.85 -5.34 -13.32
CA SER A 21 -6.89 -6.22 -13.89
C SER A 21 -7.74 -5.50 -14.92
N SER A 22 -8.33 -6.26 -15.84
CA SER A 22 -9.31 -5.67 -16.76
C SER A 22 -10.51 -5.12 -16.00
N SER A 23 -10.74 -5.56 -14.76
CA SER A 23 -11.84 -5.02 -13.96
C SER A 23 -11.63 -3.53 -13.63
N ASP A 24 -10.38 -3.06 -13.68
CA ASP A 24 -10.06 -1.64 -13.42
C ASP A 24 -10.35 -0.74 -14.61
N TRP A 25 -10.70 -1.34 -15.76
CA TRP A 25 -10.89 -0.56 -16.97
C TRP A 25 -12.03 0.41 -16.85
N ASP A 26 -13.08 0.06 -16.10
N ASP A 26 -13.06 0.06 -16.08
CA ASP A 26 -14.21 0.96 -15.89
CA ASP A 26 -14.19 0.94 -15.85
C ASP A 26 -13.76 2.34 -15.38
C ASP A 26 -13.77 2.33 -15.36
N VAL A 27 -12.72 2.36 -14.54
CA VAL A 27 -12.10 3.60 -14.07
C VAL A 27 -11.04 4.09 -15.08
N MET A 28 -10.13 3.21 -15.45
CA MET A 28 -8.95 3.67 -16.19
C MET A 28 -9.23 4.09 -17.63
N LYS A 29 -10.37 3.66 -18.17
CA LYS A 29 -10.75 4.09 -19.52
C LYS A 29 -10.90 5.61 -19.60
N HIS A 30 -11.19 6.27 -18.47
CA HIS A 30 -11.33 7.72 -18.44
C HIS A 30 -10.01 8.44 -18.68
N ALA A 31 -8.91 7.81 -18.30
CA ALA A 31 -7.58 8.31 -18.65
C ALA A 31 -7.33 8.17 -20.14
N VAL A 32 -7.64 6.99 -20.67
CA VAL A 32 -7.44 6.73 -22.09
C VAL A 32 -8.26 7.69 -22.96
N ALA A 33 -9.49 8.00 -22.55
CA ALA A 33 -10.33 8.96 -23.27
C ALA A 33 -9.67 10.33 -23.42
N ILE A 34 -9.06 10.83 -22.35
CA ILE A 34 -8.33 12.12 -22.40
C ILE A 34 -7.16 12.02 -23.36
N LEU A 35 -6.40 10.93 -23.27
CA LEU A 35 -5.19 10.79 -24.10
C LEU A 35 -5.57 10.78 -25.58
N GLN A 36 -6.66 10.07 -25.90
CA GLN A 36 -7.18 10.06 -27.27
C GLN A 36 -7.64 11.45 -27.70
N GLU A 37 -8.39 12.12 -26.85
CA GLU A 37 -8.88 13.47 -27.15
C GLU A 37 -7.74 14.43 -27.47
N PHE A 38 -6.64 14.32 -26.74
CA PHE A 38 -5.48 15.21 -26.91
C PHE A 38 -4.46 14.71 -27.93
N GLY A 39 -4.74 13.58 -28.55
CA GLY A 39 -3.84 13.04 -29.56
C GLY A 39 -2.49 12.59 -29.02
N VAL A 40 -2.45 12.15 -27.75
CA VAL A 40 -1.20 11.69 -27.13
C VAL A 40 -0.97 10.22 -27.49
N PRO A 41 0.17 9.91 -28.14
CA PRO A 41 0.50 8.50 -28.32
C PRO A 41 0.58 7.75 -27.00
N TYR A 42 -0.16 6.65 -26.88
CA TYR A 42 -0.26 5.95 -25.60
C TYR A 42 -0.38 4.45 -25.81
N GLU A 43 -0.12 3.73 -24.73
CA GLU A 43 -0.43 2.31 -24.63
C GLU A 43 -1.15 2.09 -23.34
N ALA A 44 -2.02 1.08 -23.32
CA ALA A 44 -2.70 0.67 -22.11
C ALA A 44 -2.51 -0.83 -21.96
N LYS A 45 -2.21 -1.26 -20.74
CA LYS A 45 -1.83 -2.65 -20.47
C LYS A 45 -2.32 -3.12 -19.11
N VAL A 46 -2.60 -4.42 -19.01
CA VAL A 46 -2.81 -5.06 -17.73
C VAL A 46 -1.47 -5.56 -17.18
N VAL A 47 -1.01 -4.91 -16.08
CA VAL A 47 0.22 -5.29 -15.40
C VAL A 47 -0.10 -5.33 -13.91
N SER A 48 -0.14 -6.53 -13.33
CA SER A 48 -0.47 -6.71 -11.94
C SER A 48 0.77 -6.76 -11.06
N ALA A 49 0.76 -5.92 -10.01
CA ALA A 49 1.87 -5.93 -9.04
C ALA A 49 2.05 -7.30 -8.38
N HIS A 50 0.95 -7.96 -8.10
CA HIS A 50 0.98 -9.18 -7.31
C HIS A 50 0.94 -10.47 -8.10
N ARG A 51 0.30 -10.48 -9.27
CA ARG A 51 0.24 -11.65 -10.15
C ARG A 51 1.31 -11.62 -11.25
N MET A 52 1.84 -10.43 -11.55
CA MET A 52 2.87 -10.22 -12.58
C MET A 52 4.05 -9.36 -12.05
N PRO A 53 4.61 -9.74 -10.90
CA PRO A 53 5.62 -8.86 -10.30
C PRO A 53 6.86 -8.64 -11.17
N ASP A 54 7.35 -9.70 -11.81
CA ASP A 54 8.52 -9.57 -12.70
C ASP A 54 8.25 -8.69 -13.90
N GLU A 55 7.08 -8.88 -14.50
CA GLU A 55 6.62 -8.05 -15.61
C GLU A 55 6.49 -6.57 -15.25
N MET A 56 6.01 -6.28 -14.05
CA MET A 56 5.92 -4.91 -13.57
C MET A 56 7.32 -4.31 -13.51
N PHE A 57 8.26 -5.03 -12.89
CA PHE A 57 9.65 -4.52 -12.82
C PHE A 57 10.24 -4.30 -14.23
N ASP A 58 9.96 -5.21 -15.15
CA ASP A 58 10.51 -5.13 -16.52
C ASP A 58 9.94 -3.91 -17.22
N TYR A 59 8.66 -3.66 -17.01
CA TYR A 59 8.02 -2.50 -17.64
C TYR A 59 8.65 -1.20 -17.12
N ALA A 60 8.82 -1.07 -15.82
CA ALA A 60 9.42 0.13 -15.23
C ALA A 60 10.87 0.32 -15.72
N GLU A 61 11.64 -0.75 -15.66
CA GLU A 61 13.04 -0.73 -16.15
C GLU A 61 13.17 -0.13 -17.53
N LYS A 62 12.28 -0.52 -18.43
CA LYS A 62 12.34 -0.12 -19.83
C LYS A 62 11.66 1.21 -20.17
N ALA A 63 10.92 1.79 -19.22
CA ALA A 63 10.11 2.97 -19.51
C ALA A 63 10.91 4.15 -20.03
N ARG A 64 12.03 4.45 -19.39
CA ARG A 64 12.76 5.64 -19.79
C ARG A 64 13.37 5.46 -21.20
N GLU A 65 14.06 4.35 -21.44
CA GLU A 65 14.69 4.14 -22.77
C GLU A 65 13.64 4.10 -23.89
N ARG A 66 12.42 3.64 -23.60
CA ARG A 66 11.36 3.59 -24.60
C ARG A 66 10.77 4.95 -24.96
N GLY A 67 11.11 5.99 -24.21
CA GLY A 67 10.61 7.34 -24.49
C GLY A 67 9.36 7.75 -23.68
N LEU A 68 8.93 6.90 -22.74
CA LEU A 68 7.74 7.26 -21.93
C LEU A 68 8.03 8.53 -21.12
N ARG A 69 7.04 9.43 -21.10
CA ARG A 69 7.13 10.66 -20.33
C ARG A 69 6.31 10.62 -19.03
N ALA A 70 5.36 9.69 -18.95
CA ALA A 70 4.57 9.46 -17.73
C ALA A 70 4.01 8.04 -17.76
N ILE A 71 3.87 7.43 -16.59
CA ILE A 71 3.12 6.18 -16.46
C ILE A 71 1.96 6.46 -15.53
N ILE A 72 0.75 6.29 -16.04
CA ILE A 72 -0.49 6.34 -15.24
C ILE A 72 -0.80 4.93 -14.78
N ALA A 73 -0.91 4.72 -13.47
CA ALA A 73 -1.12 3.39 -12.92
C ALA A 73 -2.26 3.40 -11.93
N GLY A 74 -3.26 2.56 -12.14
CA GLY A 74 -4.41 2.46 -11.26
C GLY A 74 -4.39 1.19 -10.49
N ALA A 75 -4.77 1.25 -9.21
CA ALA A 75 -4.86 0.05 -8.37
C ALA A 75 -5.75 0.34 -7.18
N GLY A 76 -6.30 -0.72 -6.63
CA GLY A 76 -7.23 -0.60 -5.49
C GLY A 76 -6.85 -1.53 -4.35
N GLY A 77 -7.39 -1.26 -3.16
CA GLY A 77 -7.11 -2.08 -1.98
C GLY A 77 -5.69 -1.82 -1.48
N ALA A 78 -4.93 -2.89 -1.30
CA ALA A 78 -3.49 -2.80 -1.01
C ALA A 78 -2.88 -2.53 -2.37
N ALA A 79 -2.88 -1.24 -2.74
CA ALA A 79 -2.59 -0.77 -4.09
C ALA A 79 -1.07 -0.50 -4.18
N HIS A 80 -0.32 -1.44 -4.72
CA HIS A 80 1.12 -1.38 -4.73
C HIS A 80 1.71 -1.04 -6.08
N LEU A 81 0.90 -1.13 -7.13
CA LEU A 81 1.40 -0.98 -8.50
C LEU A 81 2.09 0.39 -8.75
N PRO A 82 1.43 1.51 -8.41
CA PRO A 82 2.12 2.82 -8.61
C PRO A 82 3.47 2.93 -7.88
N GLY A 83 3.51 2.57 -6.61
CA GLY A 83 4.70 2.73 -5.80
C GLY A 83 5.84 1.86 -6.29
N MET A 84 5.52 0.63 -6.69
CA MET A 84 6.58 -0.29 -7.12
C MET A 84 7.06 0.01 -8.54
N LEU A 85 6.20 0.52 -9.42
CA LEU A 85 6.68 1.11 -10.67
C LEU A 85 7.67 2.25 -10.38
N ALA A 86 7.29 3.13 -9.46
CA ALA A 86 8.11 4.30 -9.17
C ALA A 86 9.45 3.87 -8.52
N ALA A 87 9.46 2.73 -7.82
CA ALA A 87 10.69 2.22 -7.20
C ALA A 87 11.71 1.82 -8.27
N LYS A 88 11.21 1.53 -9.48
CA LYS A 88 12.01 0.93 -10.54
C LYS A 88 12.20 1.79 -11.79
N THR A 89 11.66 3.01 -11.79
CA THR A 89 11.88 3.99 -12.88
C THR A 89 11.97 5.42 -12.32
N THR A 90 12.71 6.30 -13.02
CA THR A 90 12.65 7.76 -12.71
C THR A 90 11.67 8.56 -13.59
N VAL A 91 10.99 7.87 -14.49
CA VAL A 91 9.89 8.42 -15.27
C VAL A 91 8.74 8.75 -14.28
N PRO A 92 8.13 9.94 -14.42
CA PRO A 92 6.99 10.30 -13.53
C PRO A 92 5.90 9.22 -13.49
N VAL A 93 5.52 8.82 -12.27
CA VAL A 93 4.44 7.87 -12.04
C VAL A 93 3.27 8.60 -11.40
N LEU A 94 2.12 8.42 -12.03
CA LEU A 94 0.87 9.09 -11.72
C LEU A 94 -0.11 8.02 -11.24
N GLY A 95 -0.42 8.03 -9.94
CA GLY A 95 -1.24 7.00 -9.33
C GLY A 95 -2.71 7.37 -9.22
N VAL A 96 -3.56 6.41 -9.57
CA VAL A 96 -5.00 6.55 -9.53
C VAL A 96 -5.58 5.51 -8.58
N PRO A 97 -6.10 5.97 -7.41
CA PRO A 97 -6.71 5.01 -6.54
C PRO A 97 -8.06 4.55 -7.09
N VAL A 98 -8.23 3.25 -7.22
CA VAL A 98 -9.47 2.67 -7.70
C VAL A 98 -10.26 2.29 -6.47
N ALA A 99 -11.54 2.63 -6.44
CA ALA A 99 -12.36 2.34 -5.26
C ALA A 99 -12.49 0.84 -5.08
N SER A 100 -12.42 0.45 -3.82
CA SER A 100 -12.51 -0.91 -3.38
C SER A 100 -13.97 -1.14 -2.89
N LYS A 101 -14.35 -2.40 -2.84
CA LYS A 101 -15.74 -2.77 -2.54
C LYS A 101 -16.19 -2.32 -1.18
N TYR A 102 -15.37 -2.52 -0.15
CA TYR A 102 -15.80 -2.22 1.22
C TYR A 102 -15.31 -0.87 1.75
N LEU A 103 -14.06 -0.55 1.47
CA LEU A 103 -13.45 0.66 2.01
C LEU A 103 -13.54 1.88 1.06
N LYS A 104 -14.10 1.65 -0.13
CA LYS A 104 -14.49 2.73 -1.06
C LYS A 104 -13.26 3.54 -1.53
N GLY A 105 -12.10 2.89 -1.58
CA GLY A 105 -10.87 3.57 -2.03
C GLY A 105 -10.06 4.32 -0.99
N VAL A 106 -10.52 4.32 0.26
CA VAL A 106 -9.72 4.84 1.38
C VAL A 106 -8.40 4.07 1.53
N ASP A 107 -8.49 2.74 1.48
CA ASP A 107 -7.30 1.88 1.44
C ASP A 107 -6.42 2.12 0.21
N SER A 108 -7.06 2.25 -0.94
CA SER A 108 -6.34 2.52 -2.18
C SER A 108 -5.57 3.83 -2.06
N LEU A 109 -6.25 4.86 -1.56
CA LEU A 109 -5.63 6.20 -1.45
C LEU A 109 -4.40 6.16 -0.52
N HIS A 110 -4.58 5.61 0.68
CA HIS A 110 -3.44 5.47 1.63
C HIS A 110 -2.26 4.78 1.03
N SER A 111 -2.53 3.66 0.36
CA SER A 111 -1.53 2.77 -0.26
CA SER A 111 -1.46 2.81 -0.16
C SER A 111 -0.72 3.43 -1.35
N ILE A 112 -1.29 4.44 -2.00
CA ILE A 112 -0.63 5.11 -3.11
C ILE A 112 0.02 6.44 -2.67
N VAL A 113 -0.70 7.26 -1.93
CA VAL A 113 -0.24 8.65 -1.72
C VAL A 113 0.86 8.71 -0.65
N GLN A 114 0.86 7.78 0.31
CA GLN A 114 1.72 7.90 1.50
C GLN A 114 3.15 7.36 1.31
N MET A 115 3.71 7.59 0.13
CA MET A 115 5.06 7.13 -0.18
C MET A 115 6.11 7.87 0.67
N PRO A 116 7.05 7.13 1.25
CA PRO A 116 8.12 7.78 1.98
CA PRO A 116 8.16 7.72 1.99
C PRO A 116 9.05 8.59 1.10
N LYS A 117 9.82 9.47 1.73
CA LYS A 117 10.77 10.28 1.00
C LYS A 117 11.69 9.44 0.13
N GLY A 118 11.86 9.86 -1.12
CA GLY A 118 12.80 9.24 -2.05
C GLY A 118 12.22 8.64 -3.30
N VAL A 119 10.96 8.20 -3.21
CA VAL A 119 10.27 7.57 -4.32
C VAL A 119 8.86 8.16 -4.43
N PRO A 120 8.71 9.26 -5.21
CA PRO A 120 7.39 9.91 -5.30
C PRO A 120 6.40 9.20 -6.19
N VAL A 121 5.12 9.31 -5.81
CA VAL A 121 4.01 9.02 -6.73
C VAL A 121 3.06 10.19 -6.67
N ALA A 122 2.82 10.80 -7.82
CA ALA A 122 1.82 11.85 -7.94
C ALA A 122 0.45 11.22 -7.88
N THR A 123 -0.35 11.56 -6.87
CA THR A 123 -1.62 10.88 -6.64
C THR A 123 -2.79 11.78 -6.97
N PHE A 124 -3.81 11.17 -7.58
CA PHE A 124 -5.05 11.88 -7.98
C PHE A 124 -6.28 11.32 -7.27
N ALA A 125 -7.44 11.93 -7.52
CA ALA A 125 -8.65 11.56 -6.80
C ALA A 125 -9.03 10.09 -6.96
N ILE A 126 -9.78 9.57 -5.98
CA ILE A 126 -10.32 8.21 -6.04
C ILE A 126 -11.23 8.12 -7.25
N GLY A 127 -10.97 7.13 -8.10
CA GLY A 127 -11.89 6.79 -9.18
C GLY A 127 -11.72 7.53 -10.50
N GLU A 128 -12.82 7.56 -11.25
CA GLU A 128 -12.86 8.09 -12.62
CA GLU A 128 -12.83 8.07 -12.62
C GLU A 128 -12.30 9.51 -12.74
N ALA A 129 -12.60 10.36 -11.77
CA ALA A 129 -12.06 11.74 -11.77
C ALA A 129 -10.53 11.74 -11.74
N GLY A 130 -9.96 10.89 -10.88
CA GLY A 130 -8.50 10.79 -10.81
C GLY A 130 -7.88 10.24 -12.07
N ALA A 131 -8.55 9.30 -12.74
CA ALA A 131 -8.04 8.71 -13.97
C ALA A 131 -7.99 9.78 -15.05
N ALA A 132 -9.09 10.51 -15.21
CA ALA A 132 -9.11 11.59 -16.20
C ALA A 132 -8.06 12.66 -15.85
N ASN A 133 -7.95 13.00 -14.57
CA ASN A 133 -6.97 14.04 -14.17
C ASN A 133 -5.51 13.62 -14.30
N ALA A 134 -5.23 12.33 -14.15
CA ALA A 134 -3.86 11.86 -14.31
C ALA A 134 -3.46 12.05 -15.76
N ALA A 135 -4.40 11.74 -16.66
CA ALA A 135 -4.14 11.92 -18.08
C ALA A 135 -3.96 13.42 -18.43
N LEU A 136 -4.83 14.28 -17.87
CA LEU A 136 -4.70 15.73 -18.10
C LEU A 136 -3.40 16.27 -17.52
N PHE A 137 -2.97 15.71 -16.39
CA PHE A 137 -1.68 16.05 -15.80
C PHE A 137 -0.52 15.59 -16.69
N ALA A 138 -0.64 14.40 -17.28
CA ALA A 138 0.40 13.96 -18.23
C ALA A 138 0.51 14.94 -19.38
N VAL A 139 -0.62 15.44 -19.87
CA VAL A 139 -0.59 16.46 -20.92
C VAL A 139 0.11 17.73 -20.42
N SER A 140 -0.12 18.13 -19.17
CA SER A 140 0.61 19.29 -18.62
CA SER A 140 0.60 19.30 -18.63
C SER A 140 2.11 19.04 -18.60
N ILE A 141 2.52 17.81 -18.28
CA ILE A 141 3.94 17.47 -18.33
C ILE A 141 4.47 17.63 -19.76
N LEU A 142 3.75 17.10 -20.73
CA LEU A 142 4.19 17.25 -22.13
C LEU A 142 4.22 18.72 -22.56
N SER A 143 3.31 19.53 -22.01
CA SER A 143 3.22 20.98 -22.35
C SER A 143 4.45 21.79 -21.90
N GLY A 144 5.29 21.18 -21.05
CA GLY A 144 6.50 21.83 -20.57
C GLY A 144 7.45 22.16 -21.70
N ASN A 145 7.47 21.27 -22.71
CA ASN A 145 8.32 21.47 -23.88
C ASN A 145 7.60 21.24 -25.21
N SER A 146 6.28 21.48 -25.24
CA SER A 146 5.48 21.39 -26.46
C SER A 146 4.44 22.51 -26.51
N VAL A 147 4.61 23.44 -27.45
CA VAL A 147 3.60 24.47 -27.67
C VAL A 147 2.24 23.88 -28.07
N ASP A 148 2.27 22.84 -28.91
CA ASP A 148 1.05 22.10 -29.31
CA ASP A 148 1.05 22.14 -29.32
C ASP A 148 0.24 21.62 -28.12
N TYR A 149 0.89 20.92 -27.19
CA TYR A 149 0.17 20.44 -26.00
C TYR A 149 -0.25 21.58 -25.05
N ALA A 150 0.57 22.63 -24.93
CA ALA A 150 0.14 23.80 -24.19
C ALA A 150 -1.13 24.40 -24.82
N ASN A 151 -1.13 24.52 -26.14
CA ASN A 151 -2.30 25.06 -26.85
C ASN A 151 -3.56 24.22 -26.66
N ARG A 152 -3.40 22.89 -26.69
CA ARG A 152 -4.54 21.99 -26.51
C ARG A 152 -5.11 22.11 -25.12
N LEU A 153 -4.25 22.18 -24.09
CA LEU A 153 -4.73 22.43 -22.73
C LEU A 153 -5.52 23.72 -22.60
N ALA A 154 -5.02 24.80 -23.21
CA ALA A 154 -5.65 26.11 -23.11
C ALA A 154 -7.07 26.04 -23.73
N ALA A 155 -7.15 25.38 -24.88
CA ALA A 155 -8.43 25.20 -25.58
C ALA A 155 -9.40 24.32 -24.76
N PHE A 156 -8.89 23.25 -24.13
CA PHE A 156 -9.68 22.44 -23.24
C PHE A 156 -10.30 23.28 -22.12
N ARG A 157 -9.51 24.18 -21.55
CA ARG A 157 -9.96 24.98 -20.42
C ARG A 157 -11.01 25.99 -20.85
N VAL A 158 -10.86 26.55 -22.04
CA VAL A 158 -11.89 27.43 -22.59
C VAL A 158 -13.23 26.66 -22.77
N ARG A 159 -13.15 25.47 -23.37
CA ARG A 159 -14.34 24.62 -23.53
C ARG A 159 -15.01 24.27 -22.20
N GLN A 160 -14.20 23.93 -21.19
CA GLN A 160 -14.66 23.64 -19.83
CA GLN A 160 -14.74 23.60 -19.89
C GLN A 160 -15.42 24.82 -19.27
N ASN A 161 -14.84 26.00 -19.44
CA ASN A 161 -15.43 27.20 -18.93
C ASN A 161 -16.75 27.53 -19.64
N GLU A 162 -16.76 27.41 -20.96
CA GLU A 162 -17.99 27.61 -21.73
C GLU A 162 -19.10 26.62 -21.32
N ALA A 163 -18.72 25.37 -21.08
CA ALA A 163 -19.70 24.35 -20.68
C ALA A 163 -20.30 24.68 -19.33
N ALA A 164 -19.49 25.21 -18.41
CA ALA A 164 -20.00 25.61 -17.09
C ALA A 164 -20.99 26.76 -17.20
N HIS A 165 -20.67 27.74 -18.03
CA HIS A 165 -21.56 28.85 -18.30
C HIS A 165 -22.87 28.44 -18.92
N ALA A 166 -22.88 27.35 -19.69
CA ALA A 166 -24.10 26.90 -20.36
C ALA A 166 -25.06 26.11 -19.46
N MET A 167 -24.59 25.67 -18.30
CA MET A 167 -25.43 24.87 -17.40
C MET A 167 -26.63 25.65 -16.93
N VAL A 168 -27.70 24.92 -16.67
CA VAL A 168 -28.98 25.55 -16.32
C VAL A 168 -29.56 24.89 -15.08
N LEU A 169 -30.23 25.71 -14.26
CA LEU A 169 -30.87 25.25 -13.04
C LEU A 169 -32.38 25.34 -13.29
N PRO A 170 -33.07 24.20 -13.19
CA PRO A 170 -34.48 24.18 -13.55
C PRO A 170 -35.38 24.68 -12.43
N PRO A 171 -36.63 25.06 -12.75
CA PRO A 171 -37.62 25.34 -11.68
C PRO A 171 -37.77 24.19 -10.69
N LEU A 172 -38.18 24.52 -9.46
CA LEU A 172 -38.60 23.48 -8.53
C LEU A 172 -39.82 22.77 -9.10
N GLU A 173 -39.90 21.47 -8.86
CA GLU A 173 -40.96 20.63 -9.44
C GLU A 173 -42.21 20.66 -8.60
N THR B 6 14.83 38.16 0.26
CA THR B 6 16.30 37.84 0.25
C THR B 6 16.56 36.39 -0.21
N ALA B 7 16.23 35.42 0.65
CA ALA B 7 16.49 34.02 0.36
C ALA B 7 15.45 33.53 -0.63
N HIS B 8 15.81 32.50 -1.41
CA HIS B 8 14.83 31.76 -2.22
C HIS B 8 14.23 32.57 -3.33
N THR B 9 15.07 33.36 -3.98
CA THR B 9 14.69 34.09 -5.17
C THR B 9 15.58 33.66 -6.33
N HIS B 10 15.11 33.88 -7.55
CA HIS B 10 15.88 33.60 -8.75
C HIS B 10 15.28 34.40 -9.89
N SER B 11 16.13 34.82 -10.81
CA SER B 11 15.66 35.58 -11.97
C SER B 11 15.02 34.69 -13.03
N ALA B 12 15.28 33.38 -12.99
CA ALA B 12 14.74 32.46 -13.99
C ALA B 12 14.44 31.11 -13.31
N PRO B 13 13.49 31.11 -12.37
CA PRO B 13 13.21 29.87 -11.66
C PRO B 13 12.48 28.88 -12.55
N LEU B 14 12.76 27.59 -12.33
CA LEU B 14 12.03 26.50 -12.99
C LEU B 14 10.94 25.90 -12.11
N VAL B 15 11.09 26.04 -10.78
CA VAL B 15 10.11 25.52 -9.80
C VAL B 15 9.79 26.61 -8.79
N GLY B 16 8.49 26.81 -8.52
CA GLY B 16 8.04 27.69 -7.44
C GLY B 16 7.57 26.84 -6.25
N VAL B 17 7.93 27.26 -5.05
CA VAL B 17 7.49 26.60 -3.83
C VAL B 17 6.67 27.59 -2.99
N LEU B 18 5.37 27.36 -2.95
CA LEU B 18 4.44 28.27 -2.30
C LEU B 18 3.79 27.64 -1.08
N MET B 19 3.44 28.50 -0.13
CA MET B 19 2.73 28.11 1.10
C MET B 19 2.00 29.31 1.67
N GLY B 20 0.96 29.05 2.46
CA GLY B 20 0.08 30.07 2.97
C GLY B 20 0.66 30.90 4.11
N SER B 21 1.64 30.34 4.80
CA SER B 21 2.20 30.97 5.99
C SER B 21 3.64 30.55 6.19
N SER B 22 4.44 31.41 6.82
CA SER B 22 5.79 31.01 7.21
C SER B 22 5.76 29.86 8.21
N SER B 23 4.63 29.64 8.90
CA SER B 23 4.48 28.45 9.74
C SER B 23 4.56 27.12 8.97
N ASP B 24 4.30 27.15 7.67
CA ASP B 24 4.40 25.96 6.82
C ASP B 24 5.85 25.65 6.40
N TRP B 25 6.79 26.56 6.70
CA TRP B 25 8.20 26.35 6.33
C TRP B 25 8.80 25.10 6.96
N ASP B 26 8.42 24.77 8.18
CA ASP B 26 8.93 23.54 8.83
CA ASP B 26 8.93 23.55 8.83
C ASP B 26 8.77 22.32 7.93
N VAL B 27 7.67 22.26 7.21
CA VAL B 27 7.45 21.20 6.23
C VAL B 27 8.05 21.51 4.85
N MET B 28 7.74 22.69 4.32
CA MET B 28 8.07 23.00 2.93
C MET B 28 9.56 23.21 2.67
N LYS B 29 10.33 23.48 3.71
CA LYS B 29 11.79 23.59 3.57
C LYS B 29 12.40 22.30 3.05
N HIS B 30 11.73 21.16 3.28
CA HIS B 30 12.20 19.89 2.73
C HIS B 30 12.12 19.84 1.24
N ALA B 31 11.15 20.54 0.63
CA ALA B 31 11.09 20.68 -0.84
C ALA B 31 12.29 21.50 -1.32
N VAL B 32 12.54 22.60 -0.62
CA VAL B 32 13.64 23.51 -0.99
C VAL B 32 14.98 22.81 -0.84
N ALA B 33 15.16 21.98 0.20
CA ALA B 33 16.43 21.25 0.35
C ALA B 33 16.74 20.39 -0.88
N ILE B 34 15.73 19.67 -1.38
CA ILE B 34 15.91 18.83 -2.58
C ILE B 34 16.24 19.70 -3.78
N LEU B 35 15.50 20.77 -3.97
CA LEU B 35 15.77 21.66 -5.13
C LEU B 35 17.23 22.20 -5.10
N GLN B 36 17.69 22.59 -3.92
CA GLN B 36 19.08 23.03 -3.76
C GLN B 36 20.08 21.92 -4.06
N GLU B 37 19.86 20.73 -3.49
CA GLU B 37 20.75 19.60 -3.72
C GLU B 37 20.88 19.28 -5.20
N PHE B 38 19.78 19.44 -5.95
CA PHE B 38 19.78 19.09 -7.37
C PHE B 38 20.15 20.26 -8.28
N GLY B 39 20.42 21.42 -7.69
CA GLY B 39 20.81 22.59 -8.47
C GLY B 39 19.68 23.15 -9.34
N VAL B 40 18.42 22.99 -8.91
CA VAL B 40 17.30 23.49 -9.67
C VAL B 40 17.05 24.96 -9.32
N PRO B 41 17.10 25.84 -10.32
CA PRO B 41 16.68 27.23 -10.06
C PRO B 41 15.26 27.27 -9.53
N TYR B 42 15.07 27.94 -8.41
CA TYR B 42 13.76 27.95 -7.74
C TYR B 42 13.52 29.26 -7.01
N GLU B 43 12.25 29.47 -6.65
CA GLU B 43 11.86 30.51 -5.71
C GLU B 43 10.90 29.91 -4.70
N ALA B 44 10.88 30.45 -3.49
CA ALA B 44 9.91 30.04 -2.45
C ALA B 44 9.25 31.32 -1.94
N LYS B 45 7.92 31.27 -1.77
CA LYS B 45 7.14 32.48 -1.46
CA LYS B 45 7.12 32.46 -1.48
C LYS B 45 5.98 32.10 -0.55
N VAL B 46 5.61 33.04 0.31
CA VAL B 46 4.36 32.93 1.05
C VAL B 46 3.26 33.52 0.18
N VAL B 47 2.32 32.65 -0.23
CA VAL B 47 1.14 33.05 -1.00
C VAL B 47 -0.05 32.31 -0.39
N SER B 48 -0.90 33.06 0.31
CA SER B 48 -2.07 32.48 1.01
C SER B 48 -3.32 32.49 0.11
N ALA B 49 -3.94 31.33 -0.08
CA ALA B 49 -5.22 31.25 -0.82
C ALA B 49 -6.29 32.15 -0.21
N HIS B 50 -6.34 32.20 1.13
CA HIS B 50 -7.44 32.91 1.82
C HIS B 50 -7.16 34.34 2.18
N ARG B 51 -5.90 34.66 2.45
CA ARG B 51 -5.52 36.01 2.82
C ARG B 51 -4.90 36.78 1.66
N MET B 52 -4.50 36.07 0.61
CA MET B 52 -3.91 36.68 -0.60
C MET B 52 -4.52 36.11 -1.88
N PRO B 53 -5.87 36.09 -1.97
CA PRO B 53 -6.50 35.43 -3.12
C PRO B 53 -6.14 36.04 -4.46
N ASP B 54 -6.10 37.36 -4.53
CA ASP B 54 -5.76 38.02 -5.79
C ASP B 54 -4.32 37.72 -6.22
N GLU B 55 -3.41 37.74 -5.26
CA GLU B 55 -1.99 37.48 -5.51
C GLU B 55 -1.78 36.02 -5.99
N MET B 56 -2.56 35.11 -5.43
CA MET B 56 -2.49 33.70 -5.83
C MET B 56 -2.88 33.57 -7.31
N PHE B 57 -3.99 34.20 -7.68
CA PHE B 57 -4.41 34.22 -9.09
C PHE B 57 -3.34 34.80 -10.00
N ASP B 58 -2.75 35.92 -9.58
CA ASP B 58 -1.71 36.59 -10.37
C ASP B 58 -0.48 35.69 -10.57
N TYR B 59 -0.04 35.04 -9.48
CA TYR B 59 1.09 34.14 -9.58
C TYR B 59 0.83 33.03 -10.63
N ALA B 60 -0.35 32.41 -10.55
CA ALA B 60 -0.67 31.30 -11.43
C ALA B 60 -0.75 31.82 -12.88
N GLU B 61 -1.40 32.95 -13.06
CA GLU B 61 -1.53 33.54 -14.40
C GLU B 61 -0.19 33.71 -15.10
N LYS B 62 0.81 34.16 -14.35
CA LYS B 62 2.13 34.48 -14.87
C LYS B 62 3.11 33.32 -14.95
N ALA B 63 2.76 32.16 -14.38
CA ALA B 63 3.70 31.06 -14.17
C ALA B 63 4.32 30.58 -15.48
N ARG B 64 3.49 30.31 -16.48
CA ARG B 64 4.01 29.70 -17.73
C ARG B 64 4.96 30.68 -18.43
N GLU B 65 4.53 31.91 -18.62
CA GLU B 65 5.32 32.93 -19.32
C GLU B 65 6.64 33.25 -18.61
N ARG B 66 6.67 33.08 -17.29
CA ARG B 66 7.91 33.25 -16.54
C ARG B 66 8.87 32.06 -16.67
N GLY B 67 8.39 30.94 -17.24
CA GLY B 67 9.20 29.75 -17.42
C GLY B 67 9.13 28.71 -16.30
N LEU B 68 8.19 28.88 -15.36
CA LEU B 68 7.98 27.82 -14.38
C LEU B 68 7.52 26.53 -15.03
N ARG B 69 8.11 25.42 -14.60
CA ARG B 69 7.82 24.09 -15.11
C ARG B 69 6.98 23.28 -14.09
N ALA B 70 6.99 23.73 -12.83
CA ALA B 70 6.17 23.13 -11.80
C ALA B 70 5.99 24.10 -10.65
N ILE B 71 4.83 24.04 -10.01
CA ILE B 71 4.56 24.77 -8.77
C ILE B 71 4.25 23.77 -7.67
N ILE B 72 5.04 23.81 -6.60
CA ILE B 72 4.87 22.98 -5.44
C ILE B 72 4.15 23.86 -4.45
N ALA B 73 3.01 23.40 -3.97
CA ALA B 73 2.20 24.21 -3.07
C ALA B 73 1.78 23.37 -1.87
N GLY B 74 2.05 23.91 -0.68
CA GLY B 74 1.62 23.25 0.53
C GLY B 74 0.57 24.01 1.28
N ALA B 75 -0.36 23.27 1.89
CA ALA B 75 -1.45 23.86 2.63
C ALA B 75 -2.04 22.82 3.55
N GLY B 76 -2.66 23.29 4.63
CA GLY B 76 -3.27 22.40 5.62
C GLY B 76 -4.68 22.81 5.94
N GLY B 77 -5.43 21.89 6.55
CA GLY B 77 -6.82 22.16 6.91
C GLY B 77 -7.68 22.16 5.66
N ALA B 78 -8.51 23.20 5.50
CA ALA B 78 -9.27 23.44 4.27
C ALA B 78 -8.23 23.99 3.34
N ALA B 79 -7.53 23.06 2.68
CA ALA B 79 -6.34 23.39 1.93
C ALA B 79 -6.72 23.66 0.47
N HIS B 80 -6.78 24.93 0.10
CA HIS B 80 -7.29 25.32 -1.22
C HIS B 80 -6.22 25.85 -2.17
N LEU B 81 -5.05 26.16 -1.64
CA LEU B 81 -4.00 26.79 -2.43
C LEU B 81 -3.59 25.94 -3.66
N PRO B 82 -3.33 24.62 -3.50
CA PRO B 82 -2.92 23.89 -4.73
C PRO B 82 -4.01 23.87 -5.83
N GLY B 83 -5.25 23.61 -5.43
CA GLY B 83 -6.37 23.47 -6.39
C GLY B 83 -6.71 24.77 -7.07
N MET B 84 -6.61 25.89 -6.34
CA MET B 84 -6.88 27.20 -6.94
C MET B 84 -5.76 27.70 -7.84
N LEU B 85 -4.50 27.40 -7.50
CA LEU B 85 -3.41 27.62 -8.44
C LEU B 85 -3.67 26.82 -9.72
N ALA B 86 -4.01 25.54 -9.57
CA ALA B 86 -4.26 24.66 -10.73
C ALA B 86 -5.42 25.15 -11.59
N ALA B 87 -6.41 25.80 -10.99
CA ALA B 87 -7.55 26.39 -11.74
C ALA B 87 -7.12 27.54 -12.62
N LYS B 88 -5.96 28.13 -12.34
CA LYS B 88 -5.53 29.36 -13.01
C LYS B 88 -4.25 29.23 -13.82
N THR B 89 -3.68 28.04 -13.90
CA THR B 89 -2.51 27.77 -14.79
C THR B 89 -2.56 26.32 -15.24
N THR B 90 -1.97 26.03 -16.42
CA THR B 90 -1.85 24.67 -16.91
C THR B 90 -0.45 24.08 -16.66
N VAL B 91 0.41 24.85 -15.99
CA VAL B 91 1.68 24.35 -15.50
C VAL B 91 1.37 23.32 -14.41
N PRO B 92 2.12 22.22 -14.37
CA PRO B 92 1.93 21.21 -13.31
C PRO B 92 1.92 21.79 -11.88
N VAL B 93 0.87 21.49 -11.12
CA VAL B 93 0.79 21.87 -9.72
C VAL B 93 0.90 20.60 -8.87
N LEU B 94 1.84 20.65 -7.92
CA LEU B 94 2.22 19.53 -7.05
C LEU B 94 1.84 19.92 -5.62
N GLY B 95 0.83 19.22 -5.08
CA GLY B 95 0.25 19.59 -3.80
C GLY B 95 0.82 18.78 -2.64
N VAL B 96 1.12 19.49 -1.55
CA VAL B 96 1.69 18.89 -0.34
C VAL B 96 0.75 19.18 0.82
N PRO B 97 0.08 18.13 1.35
CA PRO B 97 -0.81 18.30 2.49
C PRO B 97 0.03 18.55 3.74
N VAL B 98 -0.14 19.71 4.36
CA VAL B 98 0.56 20.01 5.63
C VAL B 98 -0.36 19.53 6.76
N ALA B 99 0.19 18.80 7.72
CA ALA B 99 -0.59 18.31 8.81
C ALA B 99 -1.15 19.44 9.68
N SER B 100 -2.40 19.24 10.03
CA SER B 100 -3.19 20.11 10.83
C SER B 100 -3.12 19.65 12.29
N LYS B 101 -3.42 20.58 13.21
CA LYS B 101 -3.28 20.31 14.64
C LYS B 101 -4.13 19.14 15.15
N TYR B 102 -5.40 19.11 14.77
CA TYR B 102 -6.36 18.12 15.29
C TYR B 102 -6.59 16.95 14.35
N LEU B 103 -6.73 17.21 13.05
CA LEU B 103 -7.01 16.11 12.12
C LEU B 103 -5.76 15.46 11.46
N LYS B 104 -4.57 15.98 11.80
CA LYS B 104 -3.27 15.40 11.45
C LYS B 104 -3.13 15.27 9.94
N GLY B 105 -3.72 16.21 9.24
CA GLY B 105 -3.58 16.27 7.80
C GLY B 105 -4.54 15.43 6.97
N VAL B 106 -5.49 14.75 7.61
CA VAL B 106 -6.53 14.04 6.88
C VAL B 106 -7.38 15.05 6.09
N ASP B 107 -7.75 16.13 6.76
CA ASP B 107 -8.47 17.24 6.10
C ASP B 107 -7.65 17.83 4.94
N SER B 108 -6.36 18.08 5.21
CA SER B 108 -5.45 18.60 4.19
C SER B 108 -5.43 17.70 2.96
N LEU B 109 -5.30 16.39 3.20
CA LEU B 109 -5.20 15.45 2.08
C LEU B 109 -6.48 15.45 1.25
N HIS B 110 -7.62 15.38 1.94
CA HIS B 110 -8.92 15.37 1.26
C HIS B 110 -9.13 16.60 0.40
N SER B 111 -8.74 17.76 0.94
CA SER B 111 -8.96 19.07 0.29
C SER B 111 -8.07 19.23 -0.93
N ILE B 112 -6.95 18.48 -1.00
CA ILE B 112 -6.02 18.59 -2.11
C ILE B 112 -6.22 17.49 -3.17
N VAL B 113 -6.32 16.23 -2.75
CA VAL B 113 -6.28 15.13 -3.72
C VAL B 113 -7.60 14.97 -4.46
N GLN B 114 -8.72 15.32 -3.82
CA GLN B 114 -10.04 15.01 -4.36
C GLN B 114 -10.53 15.98 -5.45
N MET B 115 -9.62 16.50 -6.27
CA MET B 115 -10.00 17.41 -7.35
C MET B 115 -10.94 16.76 -8.37
N PRO B 116 -12.02 17.48 -8.78
CA PRO B 116 -12.85 16.88 -9.81
CA PRO B 116 -12.92 17.02 -9.84
C PRO B 116 -12.23 16.95 -11.20
N LYS B 117 -12.76 16.15 -12.12
CA LYS B 117 -12.24 16.08 -13.49
C LYS B 117 -12.12 17.47 -14.10
N GLY B 118 -10.94 17.75 -14.67
CA GLY B 118 -10.69 18.98 -15.41
C GLY B 118 -9.52 19.80 -14.91
N VAL B 119 -9.25 19.74 -13.61
CA VAL B 119 -8.24 20.53 -12.94
C VAL B 119 -7.44 19.62 -12.00
N PRO B 120 -6.37 19.03 -12.51
CA PRO B 120 -5.58 18.10 -11.71
C PRO B 120 -4.67 18.76 -10.72
N VAL B 121 -4.46 18.11 -9.58
CA VAL B 121 -3.34 18.40 -8.67
C VAL B 121 -2.66 17.09 -8.29
N ALA B 122 -1.38 16.97 -8.64
CA ALA B 122 -0.55 15.84 -8.27
C ALA B 122 -0.30 15.92 -6.76
N THR B 123 -0.83 14.97 -5.98
CA THR B 123 -0.72 15.05 -4.52
C THR B 123 0.28 14.04 -3.94
N PHE B 124 1.03 14.47 -2.94
CA PHE B 124 2.05 13.67 -2.28
C PHE B 124 1.73 13.46 -0.81
N ALA B 125 2.59 12.72 -0.11
CA ALA B 125 2.29 12.28 1.26
C ALA B 125 2.08 13.46 2.19
N ILE B 126 1.34 13.24 3.27
CA ILE B 126 1.22 14.26 4.32
C ILE B 126 2.59 14.62 4.91
N GLY B 127 2.89 15.91 4.93
CA GLY B 127 4.05 16.44 5.64
C GLY B 127 5.36 16.42 4.90
N GLU B 128 6.44 16.32 5.68
CA GLU B 128 7.77 16.54 5.14
CA GLU B 128 7.83 16.47 5.19
C GLU B 128 8.16 15.53 4.04
N ALA B 129 7.65 14.30 4.12
CA ALA B 129 7.89 13.30 3.09
C ALA B 129 7.31 13.75 1.75
N GLY B 130 6.08 14.27 1.78
CA GLY B 130 5.45 14.78 0.59
C GLY B 130 6.12 16.05 0.04
N ALA B 131 6.64 16.90 0.92
CA ALA B 131 7.39 18.09 0.48
C ALA B 131 8.65 17.67 -0.29
N ALA B 132 9.46 16.78 0.30
CA ALA B 132 10.65 16.23 -0.37
C ALA B 132 10.28 15.55 -1.69
N ASN B 133 9.25 14.70 -1.64
CA ASN B 133 8.81 13.98 -2.84
C ASN B 133 8.26 14.85 -3.95
N ALA B 134 7.53 15.93 -3.61
CA ALA B 134 7.07 16.89 -4.63
C ALA B 134 8.27 17.46 -5.41
N ALA B 135 9.32 17.79 -4.67
CA ALA B 135 10.55 18.33 -5.27
C ALA B 135 11.27 17.28 -6.14
N LEU B 136 11.40 16.06 -5.63
CA LEU B 136 11.93 14.94 -6.42
C LEU B 136 11.10 14.73 -7.70
N PHE B 137 9.79 14.85 -7.59
CA PHE B 137 8.91 14.67 -8.73
C PHE B 137 9.11 15.80 -9.75
N ALA B 138 9.26 17.03 -9.26
CA ALA B 138 9.62 18.16 -10.11
C ALA B 138 10.90 17.85 -10.89
N VAL B 139 11.90 17.28 -10.23
CA VAL B 139 13.15 16.93 -10.89
C VAL B 139 12.86 15.88 -11.96
N SER B 140 11.97 14.91 -11.68
CA SER B 140 11.64 13.95 -12.70
C SER B 140 11.00 14.59 -13.95
N ILE B 141 10.16 15.61 -13.76
CA ILE B 141 9.58 16.37 -14.86
C ILE B 141 10.72 17.02 -15.67
N LEU B 142 11.63 17.72 -14.99
CA LEU B 142 12.73 18.38 -15.67
C LEU B 142 13.65 17.38 -16.42
N SER B 143 13.76 16.15 -15.92
CA SER B 143 14.63 15.14 -16.54
CA SER B 143 14.62 15.12 -16.52
C SER B 143 14.10 14.68 -17.89
N GLY B 144 12.84 15.01 -18.19
CA GLY B 144 12.26 14.68 -19.48
C GLY B 144 12.93 15.37 -20.66
N ASN B 145 13.59 16.49 -20.40
CA ASN B 145 14.38 17.17 -21.42
C ASN B 145 15.72 17.68 -20.92
N SER B 146 16.32 17.01 -19.94
CA SER B 146 17.66 17.38 -19.48
C SER B 146 18.42 16.14 -19.07
N VAL B 147 19.54 15.89 -19.76
CA VAL B 147 20.40 14.78 -19.35
C VAL B 147 20.98 15.02 -17.97
N ASP B 148 21.29 16.28 -17.63
CA ASP B 148 21.88 16.60 -16.32
C ASP B 148 20.91 16.20 -15.20
N TYR B 149 19.64 16.58 -15.31
CA TYR B 149 18.67 16.21 -14.27
C TYR B 149 18.41 14.69 -14.28
N ALA B 150 18.37 14.08 -15.47
CA ALA B 150 18.19 12.63 -15.55
C ALA B 150 19.32 11.88 -14.82
N ASN B 151 20.56 12.31 -15.08
CA ASN B 151 21.74 11.71 -14.46
C ASN B 151 21.74 11.91 -12.93
N ARG B 152 21.40 13.11 -12.49
CA ARG B 152 21.35 13.42 -11.07
C ARG B 152 20.32 12.59 -10.36
N LEU B 153 19.17 12.40 -11.00
CA LEU B 153 18.13 11.57 -10.43
C LEU B 153 18.52 10.08 -10.35
N ALA B 154 19.15 9.56 -11.40
CA ALA B 154 19.64 8.19 -11.37
C ALA B 154 20.69 8.02 -10.26
N ALA B 155 21.59 8.99 -10.13
CA ALA B 155 22.65 8.93 -9.12
C ALA B 155 22.05 8.99 -7.70
N PHE B 156 21.03 9.83 -7.52
CA PHE B 156 20.31 9.93 -6.26
C PHE B 156 19.75 8.57 -5.83
N ARG B 157 19.07 7.90 -6.76
CA ARG B 157 18.46 6.60 -6.47
C ARG B 157 19.48 5.54 -6.05
N VAL B 158 20.60 5.51 -6.74
CA VAL B 158 21.68 4.58 -6.39
C VAL B 158 22.26 4.92 -5.02
N ARG B 159 22.46 6.20 -4.74
CA ARG B 159 22.94 6.64 -3.44
C ARG B 159 21.97 6.21 -2.30
N GLN B 160 20.67 6.34 -2.54
CA GLN B 160 19.63 5.90 -1.58
C GLN B 160 19.69 4.42 -1.32
N ASN B 161 19.89 3.66 -2.39
CA ASN B 161 20.05 2.22 -2.31
C ASN B 161 21.28 1.83 -1.50
N GLU B 162 22.41 2.49 -1.75
CA GLU B 162 23.65 2.27 -0.98
C GLU B 162 23.45 2.57 0.50
N ALA B 163 22.78 3.70 0.79
CA ALA B 163 22.49 4.10 2.16
C ALA B 163 21.64 3.04 2.89
N ALA B 164 20.68 2.44 2.20
CA ALA B 164 19.86 1.41 2.83
C ALA B 164 20.69 0.17 3.11
N HIS B 165 21.59 -0.16 2.18
CA HIS B 165 22.51 -1.29 2.37
C HIS B 165 23.41 -1.08 3.55
N ALA B 166 23.79 0.17 3.82
CA ALA B 166 24.71 0.48 4.89
C ALA B 166 24.08 0.50 6.29
N MET B 167 22.76 0.37 6.37
CA MET B 167 22.10 0.43 7.67
C MET B 167 22.40 -0.84 8.47
N VAL B 168 22.51 -0.69 9.78
CA VAL B 168 22.84 -1.80 10.68
C VAL B 168 21.79 -1.90 11.77
N LEU B 169 21.36 -3.12 12.04
CA LEU B 169 20.43 -3.36 13.14
C LEU B 169 21.26 -3.82 14.33
N PRO B 170 21.13 -3.12 15.48
CA PRO B 170 22.03 -3.41 16.59
C PRO B 170 21.55 -4.63 17.36
N PRO B 171 22.41 -5.16 18.23
CA PRO B 171 21.93 -6.22 19.10
C PRO B 171 20.86 -5.71 20.06
N LEU B 172 20.00 -6.61 20.53
CA LEU B 172 19.04 -6.31 21.57
C LEU B 172 19.77 -5.86 22.82
N GLU B 173 19.24 -4.83 23.47
CA GLU B 173 19.92 -4.21 24.63
C GLU B 173 19.46 -4.90 25.90
N THR C 6 -22.86 -32.39 7.44
CA THR C 6 -22.87 -33.46 6.38
C THR C 6 -22.04 -32.98 5.19
N ALA C 7 -22.42 -31.85 4.60
CA ALA C 7 -21.50 -31.13 3.72
C ALA C 7 -20.37 -30.66 4.63
N HIS C 8 -19.13 -30.68 4.15
CA HIS C 8 -18.00 -30.01 4.83
C HIS C 8 -17.54 -30.66 6.12
N THR C 9 -17.42 -31.99 6.09
CA THR C 9 -16.92 -32.76 7.21
C THR C 9 -15.78 -33.61 6.71
N HIS C 10 -14.91 -34.00 7.63
CA HIS C 10 -13.80 -34.90 7.33
C HIS C 10 -13.42 -35.63 8.59
N SER C 11 -12.94 -36.86 8.46
CA SER C 11 -12.51 -37.65 9.61
C SER C 11 -11.11 -37.22 10.12
N ALA C 12 -10.36 -36.51 9.30
CA ALA C 12 -9.01 -36.06 9.63
C ALA C 12 -8.72 -34.68 8.98
N PRO C 13 -9.46 -33.65 9.39
CA PRO C 13 -9.26 -32.35 8.74
C PRO C 13 -7.94 -31.72 9.10
N LEU C 14 -7.34 -31.01 8.14
CA LEU C 14 -6.14 -30.22 8.41
C LEU C 14 -6.48 -28.76 8.65
N VAL C 15 -7.62 -28.29 8.14
CA VAL C 15 -8.06 -26.90 8.31
C VAL C 15 -9.53 -26.90 8.72
N GLY C 16 -9.88 -26.12 9.72
CA GLY C 16 -11.26 -25.84 10.07
C GLY C 16 -11.64 -24.43 9.63
N VAL C 17 -12.85 -24.28 9.08
CA VAL C 17 -13.40 -23.01 8.65
C VAL C 17 -14.64 -22.73 9.51
N LEU C 18 -14.55 -21.76 10.38
CA LEU C 18 -15.61 -21.47 11.34
C LEU C 18 -16.20 -20.07 11.08
N MET C 19 -17.49 -19.90 11.42
CA MET C 19 -18.14 -18.62 11.33
C MET C 19 -19.32 -18.63 12.32
N GLY C 20 -19.76 -17.45 12.74
CA GLY C 20 -20.79 -17.35 13.78
C GLY C 20 -22.20 -17.56 13.29
N SER C 21 -22.39 -17.49 11.96
CA SER C 21 -23.72 -17.65 11.37
C SER C 21 -23.63 -18.19 9.97
N SER C 22 -24.66 -18.93 9.53
CA SER C 22 -24.74 -19.31 8.13
C SER C 22 -24.84 -18.11 7.23
N SER C 23 -25.24 -16.96 7.77
CA SER C 23 -25.23 -15.71 6.99
C SER C 23 -23.81 -15.32 6.51
N ASP C 24 -22.79 -15.80 7.21
CA ASP C 24 -21.39 -15.54 6.85
C ASP C 24 -20.87 -16.38 5.69
N TRP C 25 -21.67 -17.36 5.26
CA TRP C 25 -21.23 -18.33 4.25
C TRP C 25 -20.97 -17.67 2.93
N ASP C 26 -21.69 -16.61 2.62
CA ASP C 26 -21.48 -15.87 1.38
CA ASP C 26 -21.48 -15.85 1.39
C ASP C 26 -20.02 -15.42 1.22
N VAL C 27 -19.39 -15.07 2.33
CA VAL C 27 -17.96 -14.74 2.37
C VAL C 27 -17.10 -15.99 2.56
N MET C 28 -17.44 -16.79 3.57
CA MET C 28 -16.55 -17.88 3.95
C MET C 28 -16.48 -19.05 2.94
N LYS C 29 -17.49 -19.16 2.09
CA LYS C 29 -17.47 -20.20 1.06
C LYS C 29 -16.25 -20.03 0.17
N HIS C 30 -15.72 -18.80 0.04
CA HIS C 30 -14.52 -18.58 -0.78
C HIS C 30 -13.27 -19.23 -0.23
N ALA C 31 -13.20 -19.36 1.09
CA ALA C 31 -12.15 -20.14 1.72
C ALA C 31 -12.29 -21.63 1.40
N VAL C 32 -13.51 -22.13 1.57
CA VAL C 32 -13.78 -23.56 1.27
C VAL C 32 -13.47 -23.91 -0.18
N ALA C 33 -13.77 -22.99 -1.08
CA ALA C 33 -13.48 -23.21 -2.52
C ALA C 33 -11.98 -23.45 -2.78
N ILE C 34 -11.12 -22.65 -2.13
CA ILE C 34 -9.67 -22.83 -2.24
C ILE C 34 -9.25 -24.19 -1.65
N LEU C 35 -9.77 -24.53 -0.49
CA LEU C 35 -9.41 -25.81 0.17
C LEU C 35 -9.79 -27.01 -0.71
N GLN C 36 -10.96 -26.96 -1.31
CA GLN C 36 -11.37 -28.02 -2.22
C GLN C 36 -10.45 -28.08 -3.44
N GLU C 37 -10.15 -26.93 -4.01
CA GLU C 37 -9.29 -26.86 -5.19
C GLU C 37 -7.91 -27.48 -4.92
N PHE C 38 -7.39 -27.25 -3.72
CA PHE C 38 -6.06 -27.74 -3.33
C PHE C 38 -6.09 -29.12 -2.70
N GLY C 39 -7.28 -29.70 -2.58
CA GLY C 39 -7.39 -31.03 -2.05
C GLY C 39 -7.07 -31.12 -0.56
N VAL C 40 -7.27 -30.04 0.19
CA VAL C 40 -6.97 -30.03 1.63
C VAL C 40 -8.13 -30.62 2.40
N PRO C 41 -7.91 -31.70 3.17
CA PRO C 41 -8.98 -32.13 4.09
C PRO C 41 -9.42 -31.01 5.03
N TYR C 42 -10.73 -30.75 5.06
CA TYR C 42 -11.24 -29.62 5.83
C TYR C 42 -12.62 -29.93 6.41
N GLU C 43 -12.98 -29.14 7.42
CA GLU C 43 -14.34 -29.07 7.93
C GLU C 43 -14.77 -27.62 7.99
N ALA C 44 -16.06 -27.37 7.83
CA ALA C 44 -16.65 -26.05 7.99
C ALA C 44 -17.83 -26.14 8.93
N LYS C 45 -17.91 -25.21 9.87
CA LYS C 45 -18.88 -25.27 10.98
C LYS C 45 -19.37 -23.90 11.36
N VAL C 46 -20.62 -23.83 11.83
CA VAL C 46 -21.12 -22.64 12.49
C VAL C 46 -20.80 -22.75 13.98
N VAL C 47 -19.93 -21.84 14.44
CA VAL C 47 -19.54 -21.74 15.84
C VAL C 47 -19.55 -20.24 16.19
N SER C 48 -20.52 -19.82 17.02
CA SER C 48 -20.72 -18.42 17.37
C SER C 48 -20.04 -18.10 18.69
N ALA C 49 -19.19 -17.07 18.68
CA ALA C 49 -18.55 -16.61 19.92
C ALA C 49 -19.58 -16.23 20.97
N HIS C 50 -20.68 -15.59 20.56
CA HIS C 50 -21.61 -15.01 21.53
C HIS C 50 -22.81 -15.90 21.84
N ARG C 51 -23.23 -16.73 20.89
CA ARG C 51 -24.39 -17.64 21.08
C ARG C 51 -23.95 -19.05 21.44
N MET C 52 -22.68 -19.38 21.16
CA MET C 52 -22.10 -20.70 21.44
C MET C 52 -20.72 -20.58 22.12
N PRO C 53 -20.61 -19.79 23.19
CA PRO C 53 -19.30 -19.53 23.79
C PRO C 53 -18.59 -20.80 24.29
N ASP C 54 -19.33 -21.67 24.95
CA ASP C 54 -18.74 -22.92 25.46
C ASP C 54 -18.25 -23.83 24.34
N GLU C 55 -19.06 -23.95 23.29
CA GLU C 55 -18.72 -24.74 22.10
C GLU C 55 -17.49 -24.19 21.40
N MET C 56 -17.37 -22.85 21.32
CA MET C 56 -16.17 -22.23 20.77
C MET C 56 -14.94 -22.67 21.56
N PHE C 57 -15.02 -22.57 22.89
CA PHE C 57 -13.88 -22.96 23.75
C PHE C 57 -13.53 -24.44 23.54
N ASP C 58 -14.54 -25.28 23.41
CA ASP C 58 -14.34 -26.74 23.24
C ASP C 58 -13.63 -27.02 21.91
N TYR C 59 -14.06 -26.33 20.86
CA TYR C 59 -13.44 -26.52 19.54
C TYR C 59 -11.95 -26.17 19.57
N ALA C 60 -11.62 -25.00 20.11
CA ALA C 60 -10.22 -24.56 20.22
C ALA C 60 -9.41 -25.56 21.10
N GLU C 61 -9.95 -25.94 22.24
CA GLU C 61 -9.26 -26.90 23.15
C GLU C 61 -8.81 -28.16 22.40
N LYS C 62 -9.70 -28.67 21.54
CA LYS C 62 -9.47 -29.93 20.81
C LYS C 62 -8.69 -29.82 19.49
N ALA C 63 -8.46 -28.60 19.01
CA ALA C 63 -7.91 -28.39 17.67
C ALA C 63 -6.54 -29.05 17.49
N ARG C 64 -5.66 -28.89 18.47
CA ARG C 64 -4.31 -29.41 18.32
C ARG C 64 -4.29 -30.94 18.32
N GLU C 65 -4.90 -31.56 19.31
CA GLU C 65 -4.90 -33.05 19.38
C GLU C 65 -5.61 -33.68 18.16
N ARG C 66 -6.58 -32.95 17.57
CA ARG C 66 -7.27 -33.44 16.40
C ARG C 66 -6.44 -33.38 15.12
N GLY C 67 -5.30 -32.72 15.15
CA GLY C 67 -4.44 -32.64 13.96
C GLY C 67 -4.66 -31.40 13.08
N LEU C 68 -5.51 -30.47 13.53
CA LEU C 68 -5.71 -29.23 12.75
C LEU C 68 -4.40 -28.45 12.66
N ARG C 69 -4.10 -27.94 11.46
CA ARG C 69 -2.93 -27.13 11.23
C ARG C 69 -3.23 -25.63 11.12
N ALA C 70 -4.50 -25.28 10.90
CA ALA C 70 -4.96 -23.89 10.91
C ALA C 70 -6.46 -23.87 11.17
N ILE C 71 -6.93 -22.81 11.82
CA ILE C 71 -8.37 -22.55 11.95
C ILE C 71 -8.64 -21.21 11.26
N ILE C 72 -9.45 -21.23 10.21
CA ILE C 72 -9.92 -20.00 9.54
C ILE C 72 -11.21 -19.62 10.19
N ALA C 73 -11.31 -18.41 10.72
CA ALA C 73 -12.49 -17.96 11.44
C ALA C 73 -12.95 -16.61 10.91
N GLY C 74 -14.21 -16.54 10.48
CA GLY C 74 -14.79 -15.29 9.95
C GLY C 74 -15.77 -14.73 10.93
N ALA C 75 -15.74 -13.41 11.12
CA ALA C 75 -16.73 -12.73 11.95
C ALA C 75 -16.82 -11.25 11.56
N GLY C 76 -17.94 -10.65 11.91
CA GLY C 76 -18.19 -9.24 11.60
C GLY C 76 -18.69 -8.45 12.80
N GLY C 77 -18.58 -7.13 12.71
CA GLY C 77 -19.01 -6.26 13.78
C GLY C 77 -18.02 -6.31 14.92
N ALA C 78 -18.54 -6.55 16.12
CA ALA C 78 -17.72 -6.82 17.31
C ALA C 78 -17.32 -8.30 17.11
N ALA C 79 -16.25 -8.49 16.33
CA ALA C 79 -15.87 -9.78 15.81
C ALA C 79 -14.87 -10.42 16.78
N HIS C 80 -15.36 -11.30 17.64
CA HIS C 80 -14.56 -11.87 18.71
C HIS C 80 -14.14 -13.29 18.48
N LEU C 81 -14.76 -13.95 17.50
CA LEU C 81 -14.52 -15.38 17.30
C LEU C 81 -13.01 -15.72 17.04
N PRO C 82 -12.36 -15.03 16.09
CA PRO C 82 -10.93 -15.37 15.88
C PRO C 82 -10.06 -15.21 17.15
N GLY C 83 -10.21 -14.08 17.84
CA GLY C 83 -9.39 -13.81 19.01
C GLY C 83 -9.59 -14.78 20.15
N MET C 84 -10.86 -15.17 20.36
CA MET C 84 -11.19 -16.06 21.48
C MET C 84 -10.82 -17.52 21.18
N LEU C 85 -10.93 -17.93 19.91
CA LEU C 85 -10.31 -19.20 19.47
C LEU C 85 -8.80 -19.18 19.76
N ALA C 86 -8.13 -18.10 19.37
CA ALA C 86 -6.69 -18.00 19.53
C ALA C 86 -6.30 -18.01 21.02
N ALA C 87 -7.18 -17.45 21.86
CA ALA C 87 -6.95 -17.45 23.32
C ALA C 87 -6.92 -18.88 23.90
N LYS C 88 -7.55 -19.82 23.21
CA LYS C 88 -7.76 -21.16 23.71
C LYS C 88 -7.05 -22.28 22.95
N THR C 89 -6.25 -21.92 21.95
CA THR C 89 -5.41 -22.88 21.22
C THR C 89 -4.11 -22.24 20.74
N THR C 90 -3.08 -23.08 20.57
CA THR C 90 -1.81 -22.68 19.94
C THR C 90 -1.73 -23.00 18.43
N VAL C 91 -2.75 -23.65 17.88
CA VAL C 91 -2.88 -23.82 16.44
C VAL C 91 -3.06 -22.43 15.81
N PRO C 92 -2.36 -22.17 14.70
CA PRO C 92 -2.55 -20.88 13.99
C PRO C 92 -4.03 -20.53 13.71
N VAL C 93 -4.44 -19.33 14.13
CA VAL C 93 -5.76 -18.82 13.83
C VAL C 93 -5.66 -17.70 12.79
N LEU C 94 -6.47 -17.85 11.75
CA LEU C 94 -6.50 -17.00 10.58
C LEU C 94 -7.86 -16.30 10.55
N GLY C 95 -7.86 -14.99 10.77
CA GLY C 95 -9.08 -14.23 10.95
C GLY C 95 -9.52 -13.54 9.65
N VAL C 96 -10.79 -13.67 9.33
CA VAL C 96 -11.38 -13.04 8.15
C VAL C 96 -12.46 -12.04 8.63
N PRO C 97 -12.21 -10.72 8.45
CA PRO C 97 -13.23 -9.75 8.78
C PRO C 97 -14.39 -9.81 7.77
N VAL C 98 -15.60 -10.00 8.27
CA VAL C 98 -16.76 -10.02 7.39
C VAL C 98 -17.37 -8.63 7.46
N ALA C 99 -17.71 -8.09 6.30
CA ALA C 99 -18.24 -6.73 6.25
C ALA C 99 -19.56 -6.68 6.98
N SER C 100 -19.70 -5.58 7.70
CA SER C 100 -20.85 -5.28 8.48
C SER C 100 -21.73 -4.32 7.67
N LYS C 101 -23.00 -4.24 8.05
CA LYS C 101 -24.00 -3.50 7.26
C LYS C 101 -23.69 -2.01 7.19
N TYR C 102 -23.33 -1.41 8.32
CA TYR C 102 -23.16 0.04 8.35
C TYR C 102 -21.70 0.50 8.26
N LEU C 103 -20.82 -0.17 9.00
CA LEU C 103 -19.42 0.21 9.05
C LEU C 103 -18.55 -0.52 8.00
N LYS C 104 -19.16 -1.39 7.20
CA LYS C 104 -18.51 -2.02 6.02
C LYS C 104 -17.26 -2.82 6.38
N GLY C 105 -17.22 -3.35 7.58
CA GLY C 105 -16.09 -4.16 8.02
C GLY C 105 -14.93 -3.44 8.69
N VAL C 106 -15.03 -2.12 8.84
CA VAL C 106 -14.06 -1.36 9.62
C VAL C 106 -14.04 -1.82 11.07
N ASP C 107 -15.23 -2.02 11.63
CA ASP C 107 -15.35 -2.58 12.98
C ASP C 107 -14.81 -4.02 13.06
N SER C 108 -15.16 -4.82 12.07
CA SER C 108 -14.73 -6.20 12.00
C SER C 108 -13.21 -6.25 11.99
N LEU C 109 -12.61 -5.40 11.15
CA LEU C 109 -11.14 -5.41 10.99
C LEU C 109 -10.46 -5.02 12.31
N HIS C 110 -10.91 -3.93 12.91
CA HIS C 110 -10.34 -3.50 14.22
C HIS C 110 -10.41 -4.57 15.26
N SER C 111 -11.59 -5.21 15.34
CA SER C 111 -11.91 -6.25 16.34
CA SER C 111 -11.84 -6.19 16.39
C SER C 111 -11.05 -7.51 16.22
N ILE C 112 -10.52 -7.78 15.02
CA ILE C 112 -9.74 -8.97 14.75
C ILE C 112 -8.22 -8.69 14.76
N VAL C 113 -7.78 -7.64 14.08
CA VAL C 113 -6.33 -7.46 13.84
C VAL C 113 -5.63 -6.92 15.08
N GLN C 114 -6.30 -6.12 15.90
CA GLN C 114 -5.66 -5.38 16.99
C GLN C 114 -5.44 -6.18 18.28
N MET C 115 -5.04 -7.44 18.13
CA MET C 115 -4.84 -8.30 19.28
C MET C 115 -3.59 -7.84 20.05
N PRO C 116 -3.69 -7.74 21.38
CA PRO C 116 -2.50 -7.43 22.18
CA PRO C 116 -2.53 -7.43 22.22
C PRO C 116 -1.44 -8.51 22.16
N LYS C 117 -0.20 -8.14 22.51
CA LYS C 117 0.91 -9.07 22.58
C LYS C 117 0.54 -10.30 23.37
N GLY C 118 0.85 -11.45 22.80
CA GLY C 118 0.67 -12.73 23.47
C GLY C 118 -0.25 -13.73 22.84
N VAL C 119 -1.23 -13.23 22.10
CA VAL C 119 -2.26 -14.08 21.49
C VAL C 119 -2.50 -13.57 20.07
N PRO C 120 -1.74 -14.10 19.10
CA PRO C 120 -1.81 -13.59 17.72
C PRO C 120 -3.01 -14.06 16.94
N VAL C 121 -3.52 -13.19 16.06
CA VAL C 121 -4.45 -13.64 14.99
C VAL C 121 -3.92 -13.11 13.67
N ALA C 122 -3.64 -14.02 12.74
CA ALA C 122 -3.24 -13.62 11.39
C ALA C 122 -4.45 -13.10 10.66
N THR C 123 -4.44 -11.83 10.26
CA THR C 123 -5.64 -11.19 9.71
C THR C 123 -5.48 -10.94 8.22
N PHE C 124 -6.57 -11.15 7.49
CA PHE C 124 -6.64 -10.97 6.02
C PHE C 124 -7.68 -9.93 5.65
N ALA C 125 -7.81 -9.66 4.34
CA ALA C 125 -8.61 -8.57 3.87
C ALA C 125 -10.07 -8.70 4.26
N ILE C 126 -10.76 -7.56 4.31
CA ILE C 126 -12.22 -7.56 4.54
C ILE C 126 -12.92 -8.34 3.40
N GLY C 127 -13.74 -9.30 3.79
CA GLY C 127 -14.60 -10.00 2.84
C GLY C 127 -14.02 -11.17 2.10
N GLU C 128 -14.60 -11.42 0.92
CA GLU C 128 -14.30 -12.60 0.09
CA GLU C 128 -14.31 -12.62 0.14
C GLU C 128 -12.83 -12.75 -0.22
N ALA C 129 -12.14 -11.65 -0.46
CA ALA C 129 -10.68 -11.71 -0.74
C ALA C 129 -9.90 -12.27 0.45
N GLY C 130 -10.30 -11.85 1.64
CA GLY C 130 -9.66 -12.35 2.85
C GLY C 130 -9.96 -13.80 3.11
N ALA C 131 -11.17 -14.25 2.78
CA ALA C 131 -11.54 -15.64 3.00
C ALA C 131 -10.72 -16.52 2.07
N ALA C 132 -10.67 -16.20 0.79
CA ALA C 132 -9.83 -16.95 -0.14
C ALA C 132 -8.36 -16.93 0.28
N ASN C 133 -7.87 -15.76 0.65
CA ASN C 133 -6.45 -15.66 1.06
C ASN C 133 -6.08 -16.39 2.35
N ALA C 134 -7.00 -16.45 3.31
CA ALA C 134 -6.76 -17.20 4.53
C ALA C 134 -6.57 -18.67 4.17
N ALA C 135 -7.39 -19.18 3.24
CA ALA C 135 -7.26 -20.56 2.81
C ALA C 135 -5.90 -20.76 2.07
N LEU C 136 -5.57 -19.84 1.17
CA LEU C 136 -4.28 -19.93 0.46
C LEU C 136 -3.11 -19.87 1.44
N PHE C 137 -3.26 -19.07 2.50
CA PHE C 137 -2.24 -18.97 3.52
C PHE C 137 -2.16 -20.29 4.30
N ALA C 138 -3.29 -20.91 4.58
CA ALA C 138 -3.25 -22.23 5.23
C ALA C 138 -2.45 -23.22 4.39
N VAL C 139 -2.66 -23.19 3.08
CA VAL C 139 -1.88 -24.04 2.17
C VAL C 139 -0.39 -23.71 2.28
N SER C 140 -0.02 -22.42 2.42
CA SER C 140 1.40 -22.09 2.60
CA SER C 140 1.41 -22.12 2.56
C SER C 140 1.95 -22.69 3.89
N ILE C 141 1.14 -22.67 4.96
CA ILE C 141 1.54 -23.31 6.21
C ILE C 141 1.82 -24.81 5.95
N LEU C 142 0.91 -25.49 5.28
CA LEU C 142 1.09 -26.92 5.01
C LEU C 142 2.31 -27.16 4.11
N SER C 143 2.59 -26.21 3.22
CA SER C 143 3.74 -26.32 2.31
C SER C 143 5.10 -26.28 3.02
N GLY C 144 5.12 -25.92 4.30
CA GLY C 144 6.34 -25.88 5.07
C GLY C 144 6.98 -27.25 5.24
N ASN C 145 6.14 -28.27 5.29
CA ASN C 145 6.61 -29.66 5.38
C ASN C 145 5.88 -30.62 4.42
N SER C 146 5.38 -30.09 3.30
CA SER C 146 4.77 -30.90 2.25
C SER C 146 5.22 -30.44 0.88
N VAL C 147 5.97 -31.28 0.17
CA VAL C 147 6.33 -30.97 -1.19
C VAL C 147 5.11 -30.91 -2.11
N ASP C 148 4.15 -31.80 -1.92
CA ASP C 148 2.88 -31.73 -2.67
C ASP C 148 2.19 -30.38 -2.54
N TYR C 149 2.01 -29.87 -1.33
CA TYR C 149 1.36 -28.56 -1.19
C TYR C 149 2.23 -27.42 -1.73
N ALA C 150 3.55 -27.51 -1.60
CA ALA C 150 4.43 -26.52 -2.21
C ALA C 150 4.25 -26.55 -3.72
N ASN C 151 4.23 -27.74 -4.30
CA ASN C 151 4.05 -27.83 -5.76
C ASN C 151 2.68 -27.30 -6.23
N ARG C 152 1.63 -27.59 -5.46
CA ARG C 152 0.30 -27.07 -5.80
C ARG C 152 0.25 -25.55 -5.78
N LEU C 153 0.89 -24.93 -4.80
CA LEU C 153 0.95 -23.49 -4.72
C LEU C 153 1.68 -22.89 -5.90
N ALA C 154 2.79 -23.52 -6.29
CA ALA C 154 3.60 -23.03 -7.41
C ALA C 154 2.78 -23.09 -8.70
N ALA C 155 2.06 -24.19 -8.90
CA ALA C 155 1.18 -24.33 -10.05
C ALA C 155 0.04 -23.30 -10.08
N PHE C 156 -0.59 -23.05 -8.91
CA PHE C 156 -1.59 -22.00 -8.76
C PHE C 156 -1.05 -20.66 -9.21
N ARG C 157 0.17 -20.34 -8.80
CA ARG C 157 0.74 -19.04 -9.12
C ARG C 157 1.03 -18.89 -10.61
N VAL C 158 1.47 -19.98 -11.23
CA VAL C 158 1.65 -20.00 -12.69
C VAL C 158 0.29 -19.76 -13.38
N ARG C 159 -0.75 -20.48 -12.95
CA ARG C 159 -2.09 -20.24 -13.51
C ARG C 159 -2.56 -18.79 -13.37
N GLN C 160 -2.39 -18.19 -12.19
CA GLN C 160 -2.73 -16.80 -11.91
CA GLN C 160 -2.78 -16.82 -11.96
C GLN C 160 -2.02 -15.84 -12.85
N ASN C 161 -0.73 -16.09 -13.02
CA ASN C 161 0.09 -15.25 -13.90
C ASN C 161 -0.37 -15.36 -15.36
N GLU C 162 -0.61 -16.59 -15.80
CA GLU C 162 -1.15 -16.81 -17.14
C GLU C 162 -2.50 -16.12 -17.34
N ALA C 163 -3.38 -16.19 -16.36
CA ALA C 163 -4.71 -15.55 -16.46
C ALA C 163 -4.59 -14.04 -16.56
N ALA C 164 -3.62 -13.46 -15.83
CA ALA C 164 -3.38 -12.02 -15.92
C ALA C 164 -2.88 -11.59 -17.29
N HIS C 165 -1.96 -12.37 -17.84
CA HIS C 165 -1.50 -12.16 -19.21
C HIS C 165 -2.60 -12.24 -20.23
N ALA C 166 -3.62 -13.07 -20.00
CA ALA C 166 -4.68 -13.26 -20.98
C ALA C 166 -5.75 -12.18 -20.95
N MET C 167 -5.78 -11.35 -19.92
CA MET C 167 -6.74 -10.26 -19.83
C MET C 167 -6.61 -9.28 -20.96
N VAL C 168 -7.75 -8.72 -21.35
CA VAL C 168 -7.80 -7.83 -22.51
C VAL C 168 -8.53 -6.55 -22.15
N LEU C 169 -8.06 -5.43 -22.74
CA LEU C 169 -8.69 -4.14 -22.57
C LEU C 169 -9.41 -3.79 -23.86
N PRO C 170 -10.73 -3.57 -23.81
CA PRO C 170 -11.47 -3.34 -25.04
C PRO C 170 -11.34 -1.89 -25.51
N PRO C 171 -11.70 -1.63 -26.78
CA PRO C 171 -11.82 -0.25 -27.27
C PRO C 171 -12.78 0.59 -26.45
N LEU C 172 -12.58 1.91 -26.45
CA LEU C 172 -13.57 2.82 -25.92
C LEU C 172 -14.85 2.67 -26.74
N GLU C 173 -15.99 2.80 -26.07
CA GLU C 173 -17.30 2.58 -26.71
C GLU C 173 -17.80 3.85 -27.34
N THR D 6 26.88 -7.95 11.75
CA THR D 6 27.36 -8.84 12.86
C THR D 6 26.18 -9.54 13.58
N ALA D 7 25.25 -8.75 14.11
CA ALA D 7 24.14 -9.29 14.89
C ALA D 7 23.06 -9.81 13.94
N HIS D 8 22.26 -10.74 14.43
CA HIS D 8 21.04 -11.17 13.74
C HIS D 8 21.31 -11.87 12.42
N THR D 9 22.36 -12.69 12.41
CA THR D 9 22.65 -13.56 11.29
C THR D 9 22.59 -15.03 11.76
N HIS D 10 22.43 -15.93 10.81
CA HIS D 10 22.42 -17.36 11.09
C HIS D 10 22.70 -18.07 9.79
N SER D 11 23.36 -19.22 9.88
CA SER D 11 23.66 -20.01 8.67
C SER D 11 22.45 -20.82 8.19
N ALA D 12 21.49 -21.06 9.09
CA ALA D 12 20.30 -21.85 8.77
C ALA D 12 19.07 -21.26 9.49
N PRO D 13 18.69 -20.04 9.15
CA PRO D 13 17.56 -19.42 9.81
C PRO D 13 16.24 -20.08 9.40
N LEU D 14 15.29 -20.14 10.34
CA LEU D 14 13.91 -20.58 10.02
C LEU D 14 12.95 -19.40 9.81
N VAL D 15 13.29 -18.22 10.37
CA VAL D 15 12.46 -17.02 10.25
C VAL D 15 13.35 -15.85 9.90
N GLY D 16 12.91 -15.08 8.91
CA GLY D 16 13.57 -13.83 8.57
C GLY D 16 12.71 -12.67 9.02
N VAL D 17 13.37 -11.64 9.57
CA VAL D 17 12.71 -10.43 10.02
C VAL D 17 13.23 -9.24 9.20
N LEU D 18 12.37 -8.71 8.32
CA LEU D 18 12.75 -7.67 7.40
C LEU D 18 12.04 -6.34 7.70
N MET D 19 12.71 -5.23 7.37
CA MET D 19 12.16 -3.89 7.50
C MET D 19 12.89 -2.94 6.56
N GLY D 20 12.23 -1.86 6.17
CA GLY D 20 12.76 -0.93 5.21
C GLY D 20 13.86 -0.01 5.69
N SER D 21 13.93 0.16 7.00
CA SER D 21 14.89 1.09 7.58
C SER D 21 15.27 0.70 8.99
N SER D 22 16.47 1.08 9.42
CA SER D 22 16.85 0.88 10.80
C SER D 22 15.91 1.67 11.74
N SER D 23 15.22 2.71 11.24
CA SER D 23 14.21 3.42 12.04
C SER D 23 13.03 2.53 12.49
N ASP D 24 12.78 1.45 11.76
CA ASP D 24 11.73 0.49 12.10
C ASP D 24 12.15 -0.46 13.23
N TRP D 25 13.42 -0.42 13.61
CA TRP D 25 13.92 -1.38 14.61
C TRP D 25 13.23 -1.20 15.96
N ASP D 26 12.87 0.04 16.32
CA ASP D 26 12.15 0.30 17.58
CA ASP D 26 12.16 0.30 17.58
C ASP D 26 10.95 -0.62 17.74
N VAL D 27 10.26 -0.87 16.64
CA VAL D 27 9.12 -1.78 16.59
C VAL D 27 9.55 -3.24 16.37
N MET D 28 10.36 -3.47 15.33
CA MET D 28 10.66 -4.84 14.89
C MET D 28 11.56 -5.63 15.85
N LYS D 29 12.29 -4.94 16.70
CA LYS D 29 13.10 -5.63 17.71
C LYS D 29 12.23 -6.50 18.63
N HIS D 30 10.96 -6.14 18.78
CA HIS D 30 10.02 -6.96 19.57
C HIS D 30 9.75 -8.31 18.96
N ALA D 31 9.80 -8.41 17.63
CA ALA D 31 9.75 -9.70 16.95
C ALA D 31 11.00 -10.53 17.27
N VAL D 32 12.16 -9.87 17.16
CA VAL D 32 13.44 -10.52 17.40
C VAL D 32 13.54 -11.00 18.85
N ALA D 33 13.00 -10.22 19.81
CA ALA D 33 13.06 -10.63 21.21
C ALA D 33 12.33 -11.97 21.42
N ILE D 34 11.17 -12.12 20.77
CA ILE D 34 10.42 -13.37 20.87
C ILE D 34 11.19 -14.52 20.26
N LEU D 35 11.74 -14.31 19.08
CA LEU D 35 12.50 -15.38 18.42
C LEU D 35 13.72 -15.84 19.26
N GLN D 36 14.42 -14.89 19.87
CA GLN D 36 15.51 -15.22 20.77
C GLN D 36 15.02 -16.02 21.97
N GLU D 37 13.95 -15.55 22.60
CA GLU D 37 13.39 -16.23 23.75
C GLU D 37 13.01 -17.67 23.44
N PHE D 38 12.48 -17.92 22.25
CA PHE D 38 12.03 -19.25 21.85
C PHE D 38 13.14 -20.11 21.23
N GLY D 39 14.34 -19.54 21.13
CA GLY D 39 15.46 -20.25 20.52
C GLY D 39 15.30 -20.56 19.04
N VAL D 40 14.58 -19.70 18.31
CA VAL D 40 14.36 -19.94 16.91
C VAL D 40 15.52 -19.36 16.10
N PRO D 41 16.19 -20.18 15.28
CA PRO D 41 17.21 -19.65 14.37
C PRO D 41 16.59 -18.59 13.45
N TYR D 42 17.17 -17.40 13.43
CA TYR D 42 16.61 -16.26 12.66
C TYR D 42 17.68 -15.35 12.11
N GLU D 43 17.26 -14.50 11.16
CA GLU D 43 18.06 -13.39 10.70
C GLU D 43 17.16 -12.15 10.66
N ALA D 44 17.77 -10.97 10.81
CA ALA D 44 17.06 -9.68 10.70
C ALA D 44 17.87 -8.78 9.77
N LYS D 45 17.21 -8.15 8.80
N LYS D 45 17.19 -8.11 8.85
CA LYS D 45 17.89 -7.44 7.71
CA LYS D 45 17.84 -7.39 7.77
C LYS D 45 17.06 -6.23 7.32
C LYS D 45 17.04 -6.17 7.41
N VAL D 46 17.74 -5.15 6.94
CA VAL D 46 17.08 -3.99 6.33
C VAL D 46 16.96 -4.32 4.85
N VAL D 47 15.71 -4.45 4.40
CA VAL D 47 15.36 -4.67 3.00
C VAL D 47 14.19 -3.74 2.71
N SER D 48 14.47 -2.67 1.96
CA SER D 48 13.48 -1.66 1.58
C SER D 48 12.75 -1.96 0.25
N ALA D 49 11.41 -2.02 0.27
CA ALA D 49 10.62 -2.23 -0.97
C ALA D 49 10.93 -1.16 -2.00
N HIS D 50 11.13 0.07 -1.53
CA HIS D 50 11.24 1.22 -2.45
C HIS D 50 12.66 1.61 -2.81
N ARG D 51 13.61 1.42 -1.88
CA ARG D 51 15.03 1.70 -2.13
C ARG D 51 15.86 0.49 -2.50
N MET D 52 15.34 -0.70 -2.21
CA MET D 52 16.00 -1.97 -2.55
C MET D 52 15.06 -2.97 -3.26
N PRO D 53 14.36 -2.52 -4.32
CA PRO D 53 13.36 -3.39 -4.94
C PRO D 53 13.93 -4.70 -5.47
N ASP D 54 15.10 -4.65 -6.11
CA ASP D 54 15.69 -5.88 -6.66
C ASP D 54 16.11 -6.85 -5.56
N GLU D 55 16.66 -6.30 -4.49
CA GLU D 55 17.13 -7.10 -3.39
C GLU D 55 15.93 -7.75 -2.68
N MET D 56 14.82 -7.01 -2.58
CA MET D 56 13.60 -7.57 -2.02
C MET D 56 13.13 -8.78 -2.82
N PHE D 57 13.09 -8.64 -4.15
CA PHE D 57 12.69 -9.76 -4.99
C PHE D 57 13.64 -10.94 -4.82
N ASP D 58 14.93 -10.66 -4.76
CA ASP D 58 15.95 -11.72 -4.61
C ASP D 58 15.75 -12.50 -3.32
N TYR D 59 15.52 -11.77 -2.23
CA TYR D 59 15.31 -12.39 -0.92
C TYR D 59 14.13 -13.34 -0.97
N ALA D 60 13.01 -12.87 -1.53
CA ALA D 60 11.79 -13.67 -1.59
C ALA D 60 12.05 -14.93 -2.47
N GLU D 61 12.68 -14.73 -3.61
CA GLU D 61 13.01 -15.84 -4.54
C GLU D 61 13.78 -16.98 -3.84
N LYS D 62 14.75 -16.63 -3.00
CA LYS D 62 15.63 -17.60 -2.37
C LYS D 62 15.12 -18.16 -1.05
N ALA D 63 14.03 -17.61 -0.49
CA ALA D 63 13.56 -17.94 0.85
C ALA D 63 13.32 -19.43 1.08
N ARG D 64 12.56 -20.07 0.19
CA ARG D 64 12.20 -21.47 0.42
C ARG D 64 13.43 -22.38 0.37
N GLU D 65 14.27 -22.22 -0.66
CA GLU D 65 15.46 -23.06 -0.82
C GLU D 65 16.45 -22.84 0.32
N ARG D 66 16.42 -21.67 0.95
CA ARG D 66 17.29 -21.42 2.09
C ARG D 66 16.73 -22.06 3.37
N GLY D 67 15.48 -22.53 3.33
CA GLY D 67 14.85 -23.17 4.49
C GLY D 67 14.01 -22.24 5.37
N LEU D 68 13.76 -21.00 4.93
CA LEU D 68 12.88 -20.12 5.70
C LEU D 68 11.46 -20.71 5.73
N ARG D 69 10.85 -20.65 6.91
CA ARG D 69 9.50 -21.12 7.16
C ARG D 69 8.50 -19.97 7.31
N ALA D 70 9.01 -18.75 7.55
CA ALA D 70 8.19 -17.56 7.65
C ALA D 70 9.07 -16.33 7.46
N ILE D 71 8.51 -15.32 6.81
CA ILE D 71 9.14 -14.01 6.72
C ILE D 71 8.24 -12.99 7.42
N ILE D 72 8.81 -12.34 8.43
CA ILE D 72 8.15 -11.26 9.17
C ILE D 72 8.65 -9.97 8.56
N ALA D 73 7.74 -9.11 8.12
CA ALA D 73 8.10 -7.91 7.42
C ALA D 73 7.30 -6.76 7.97
N GLY D 74 8.04 -5.72 8.40
CA GLY D 74 7.46 -4.50 8.91
C GLY D 74 7.58 -3.35 7.95
N ALA D 75 6.53 -2.55 7.85
CA ALA D 75 6.55 -1.37 7.00
C ALA D 75 5.45 -0.40 7.41
N GLY D 76 5.69 0.88 7.12
CA GLY D 76 4.72 1.91 7.45
C GLY D 76 4.42 2.82 6.28
N GLY D 77 3.34 3.58 6.41
CA GLY D 77 2.88 4.45 5.33
C GLY D 77 2.30 3.66 4.17
N ALA D 78 2.75 3.98 2.95
CA ALA D 78 2.47 3.19 1.77
C ALA D 78 3.34 1.95 1.94
N ALA D 79 2.81 0.98 2.67
CA ALA D 79 3.61 -0.12 3.19
C ALA D 79 3.51 -1.31 2.22
N HIS D 80 4.52 -1.48 1.38
CA HIS D 80 4.46 -2.43 0.27
C HIS D 80 5.37 -3.64 0.47
N LEU D 81 6.27 -3.60 1.45
CA LEU D 81 7.25 -4.66 1.60
C LEU D 81 6.59 -6.04 1.84
N PRO D 82 5.60 -6.13 2.77
CA PRO D 82 5.02 -7.50 2.95
C PRO D 82 4.36 -8.06 1.70
N GLY D 83 3.59 -7.22 1.02
CA GLY D 83 2.77 -7.71 -0.12
C GLY D 83 3.65 -8.09 -1.30
N MET D 84 4.71 -7.33 -1.51
CA MET D 84 5.66 -7.63 -2.61
C MET D 84 6.59 -8.83 -2.32
N LEU D 85 6.97 -9.05 -1.06
CA LEU D 85 7.62 -10.30 -0.68
C LEU D 85 6.67 -11.46 -1.01
N ALA D 86 5.41 -11.33 -0.58
CA ALA D 86 4.40 -12.39 -0.76
C ALA D 86 4.18 -12.69 -2.23
N ALA D 87 4.30 -11.68 -3.07
CA ALA D 87 4.15 -11.84 -4.52
C ALA D 87 5.23 -12.70 -5.14
N LYS D 88 6.36 -12.84 -4.45
CA LYS D 88 7.56 -13.46 -4.98
C LYS D 88 8.02 -14.70 -4.23
N THR D 89 7.26 -15.16 -3.24
CA THR D 89 7.51 -16.44 -2.56
C THR D 89 6.18 -17.01 -2.06
N THR D 90 6.11 -18.34 -1.94
CA THR D 90 4.96 -18.99 -1.34
C THR D 90 5.18 -19.32 0.14
N VAL D 91 6.32 -18.95 0.68
CA VAL D 91 6.61 -19.08 2.10
C VAL D 91 5.70 -18.08 2.81
N PRO D 92 5.16 -18.45 3.98
CA PRO D 92 4.29 -17.52 4.72
C PRO D 92 4.94 -16.16 4.99
N VAL D 93 4.23 -15.09 4.62
CA VAL D 93 4.65 -13.72 4.94
C VAL D 93 3.70 -13.11 5.98
N LEU D 94 4.32 -12.58 7.03
CA LEU D 94 3.66 -12.09 8.22
C LEU D 94 3.95 -10.61 8.26
N GLY D 95 2.90 -9.80 8.04
CA GLY D 95 3.06 -8.34 7.90
C GLY D 95 2.80 -7.60 9.20
N VAL D 96 3.70 -6.65 9.52
CA VAL D 96 3.58 -5.85 10.75
C VAL D 96 3.47 -4.40 10.30
N PRO D 97 2.30 -3.77 10.54
CA PRO D 97 2.13 -2.35 10.23
C PRO D 97 2.89 -1.49 11.24
N VAL D 98 3.84 -0.69 10.77
CA VAL D 98 4.57 0.23 11.63
C VAL D 98 3.83 1.57 11.58
N ALA D 99 3.61 2.17 12.74
CA ALA D 99 2.90 3.42 12.83
C ALA D 99 3.69 4.51 12.15
N SER D 100 2.93 5.28 11.38
CA SER D 100 3.35 6.44 10.67
C SER D 100 3.15 7.71 11.52
N LYS D 101 3.85 8.78 11.17
CA LYS D 101 3.88 9.98 12.01
C LYS D 101 2.50 10.67 12.13
N TYR D 102 1.81 10.81 11.02
CA TYR D 102 0.55 11.54 10.97
C TYR D 102 -0.68 10.64 11.03
N LEU D 103 -0.66 9.53 10.29
CA LEU D 103 -1.85 8.66 10.26
C LEU D 103 -1.82 7.50 11.27
N LYS D 104 -0.76 7.42 12.06
CA LYS D 104 -0.63 6.51 13.21
C LYS D 104 -0.81 5.05 12.84
N GLY D 105 -0.39 4.72 11.63
CA GLY D 105 -0.47 3.36 11.13
C GLY D 105 -1.78 2.91 10.48
N VAL D 106 -2.75 3.80 10.36
CA VAL D 106 -3.98 3.48 9.63
C VAL D 106 -3.62 3.17 8.16
N ASP D 107 -2.79 4.04 7.58
CA ASP D 107 -2.27 3.83 6.21
C ASP D 107 -1.45 2.53 6.09
N SER D 108 -0.58 2.28 7.08
CA SER D 108 0.23 1.08 7.11
C SER D 108 -0.67 -0.17 7.11
N LEU D 109 -1.70 -0.14 7.95
CA LEU D 109 -2.58 -1.29 8.07
C LEU D 109 -3.35 -1.55 6.77
N HIS D 110 -3.88 -0.50 6.17
CA HIS D 110 -4.63 -0.61 4.92
C HIS D 110 -3.76 -1.19 3.81
N SER D 111 -2.52 -0.73 3.72
CA SER D 111 -1.59 -1.12 2.66
C SER D 111 -1.12 -2.55 2.79
N ILE D 112 -1.21 -3.10 3.99
CA ILE D 112 -0.76 -4.45 4.25
C ILE D 112 -1.92 -5.45 4.22
N VAL D 113 -3.00 -5.17 4.94
CA VAL D 113 -4.02 -6.21 5.13
C VAL D 113 -4.90 -6.43 3.90
N GLN D 114 -5.11 -5.37 3.12
CA GLN D 114 -6.11 -5.39 2.06
C GLN D 114 -5.66 -6.08 0.74
N MET D 115 -4.84 -7.11 0.85
CA MET D 115 -4.35 -7.84 -0.31
C MET D 115 -5.47 -8.52 -1.09
N PRO D 116 -5.47 -8.36 -2.43
CA PRO D 116 -6.50 -9.04 -3.20
CA PRO D 116 -6.45 -9.02 -3.29
C PRO D 116 -6.28 -10.55 -3.27
N LYS D 117 -7.34 -11.27 -3.67
CA LYS D 117 -7.29 -12.74 -3.76
C LYS D 117 -6.08 -13.20 -4.58
N GLY D 118 -5.33 -14.13 -4.01
CA GLY D 118 -4.28 -14.82 -4.72
C GLY D 118 -2.92 -14.72 -4.06
N VAL D 119 -2.67 -13.61 -3.35
CA VAL D 119 -1.40 -13.34 -2.68
C VAL D 119 -1.67 -12.89 -1.23
N PRO D 120 -1.66 -13.83 -0.29
CA PRO D 120 -2.01 -13.50 1.10
C PRO D 120 -0.87 -12.87 1.87
N VAL D 121 -1.20 -11.97 2.80
CA VAL D 121 -0.27 -11.56 3.84
C VAL D 121 -1.01 -11.63 5.17
N ALA D 122 -0.50 -12.43 6.10
CA ALA D 122 -1.04 -12.55 7.44
C ALA D 122 -0.68 -11.26 8.18
N THR D 123 -1.68 -10.47 8.59
CA THR D 123 -1.40 -9.16 9.15
C THR D 123 -1.68 -9.10 10.64
N PHE D 124 -0.80 -8.41 11.38
CA PHE D 124 -0.92 -8.29 12.81
C PHE D 124 -1.14 -6.84 13.26
N ALA D 125 -1.28 -6.63 14.58
CA ALA D 125 -1.63 -5.31 15.12
C ALA D 125 -0.61 -4.25 14.76
N ILE D 126 -1.06 -3.01 14.70
CA ILE D 126 -0.15 -1.89 14.47
C ILE D 126 0.90 -1.82 15.59
N GLY D 127 2.16 -1.79 15.20
CA GLY D 127 3.24 -1.52 16.14
C GLY D 127 3.84 -2.69 16.89
N GLU D 128 4.43 -2.40 18.05
N GLU D 128 4.42 -2.40 18.05
CA GLU D 128 5.17 -3.40 18.81
CA GLU D 128 5.13 -3.38 18.87
C GLU D 128 4.37 -4.64 19.17
C GLU D 128 4.35 -4.66 19.11
N ALA D 129 3.05 -4.53 19.38
CA ALA D 129 2.22 -5.70 19.66
C ALA D 129 2.18 -6.65 18.46
N GLY D 130 2.00 -6.10 17.25
CA GLY D 130 2.00 -6.89 16.05
C GLY D 130 3.36 -7.54 15.74
N ALA D 131 4.44 -6.83 16.04
CA ALA D 131 5.78 -7.39 15.86
C ALA D 131 5.99 -8.62 16.74
N ALA D 132 5.71 -8.48 18.03
CA ALA D 132 5.78 -9.62 18.96
C ALA D 132 4.84 -10.74 18.51
N ASN D 133 3.63 -10.39 18.14
CA ASN D 133 2.66 -11.42 17.72
C ASN D 133 3.01 -12.10 16.42
N ALA D 134 3.60 -11.39 15.46
CA ALA D 134 4.07 -12.04 14.24
C ALA D 134 5.09 -13.13 14.54
N ALA D 135 5.99 -12.86 15.48
CA ALA D 135 7.00 -13.83 15.91
C ALA D 135 6.36 -15.02 16.66
N LEU D 136 5.43 -14.74 17.55
CA LEU D 136 4.70 -15.80 18.22
C LEU D 136 3.95 -16.67 17.22
N PHE D 137 3.38 -16.04 16.20
CA PHE D 137 2.69 -16.74 15.13
C PHE D 137 3.66 -17.61 14.34
N ALA D 138 4.85 -17.10 14.03
CA ALA D 138 5.89 -17.92 13.40
C ALA D 138 6.18 -19.17 14.24
N VAL D 139 6.28 -19.01 15.56
CA VAL D 139 6.51 -20.17 16.44
C VAL D 139 5.34 -21.16 16.32
N SER D 140 4.12 -20.64 16.22
CA SER D 140 2.97 -21.54 16.06
C SER D 140 3.06 -22.34 14.74
N ILE D 141 3.56 -21.73 13.67
CA ILE D 141 3.84 -22.43 12.41
C ILE D 141 4.88 -23.55 12.63
N LEU D 142 5.99 -23.20 13.26
CA LEU D 142 7.06 -24.15 13.52
C LEU D 142 6.59 -25.32 14.40
N SER D 143 5.62 -25.06 15.30
CA SER D 143 5.11 -26.09 16.21
CA SER D 143 5.11 -26.08 16.22
C SER D 143 4.31 -27.15 15.50
N GLY D 144 3.87 -26.87 14.28
CA GLY D 144 3.18 -27.87 13.47
C GLY D 144 4.00 -29.14 13.21
N ASN D 145 5.32 -29.03 13.26
CA ASN D 145 6.19 -30.20 13.09
C ASN D 145 7.38 -30.22 14.04
N SER D 146 7.22 -29.64 15.23
CA SER D 146 8.28 -29.66 16.25
C SER D 146 7.67 -29.74 17.64
N VAL D 147 7.95 -30.85 18.33
CA VAL D 147 7.47 -30.96 19.71
C VAL D 147 8.12 -29.90 20.57
N ASP D 148 9.38 -29.55 20.31
CA ASP D 148 10.07 -28.53 21.11
C ASP D 148 9.34 -27.19 21.01
N TYR D 149 9.00 -26.75 19.79
CA TYR D 149 8.34 -25.44 19.67
C TYR D 149 6.89 -25.54 20.22
N ALA D 150 6.25 -26.68 20.03
CA ALA D 150 4.91 -26.89 20.56
C ALA D 150 4.92 -26.76 22.09
N ASN D 151 5.88 -27.42 22.74
CA ASN D 151 6.03 -27.36 24.18
C ASN D 151 6.33 -25.94 24.68
N ARG D 152 7.26 -25.25 24.03
CA ARG D 152 7.63 -23.90 24.41
C ARG D 152 6.45 -22.93 24.29
N LEU D 153 5.64 -23.11 23.27
CA LEU D 153 4.48 -22.24 23.11
C LEU D 153 3.40 -22.52 24.17
N ALA D 154 3.13 -23.80 24.47
CA ALA D 154 2.25 -24.16 25.57
C ALA D 154 2.75 -23.55 26.89
N ALA D 155 4.06 -23.61 27.14
CA ALA D 155 4.62 -23.13 28.43
C ALA D 155 4.50 -21.60 28.48
N PHE D 156 4.72 -20.96 27.33
CA PHE D 156 4.59 -19.51 27.22
C PHE D 156 3.18 -19.07 27.61
N ARG D 157 2.16 -19.75 27.09
CA ARG D 157 0.77 -19.39 27.42
C ARG D 157 0.43 -19.53 28.90
N VAL D 158 0.93 -20.61 29.50
CA VAL D 158 0.71 -20.83 30.93
C VAL D 158 1.43 -19.75 31.74
N ARG D 159 2.66 -19.42 31.37
CA ARG D 159 3.38 -18.33 32.05
C ARG D 159 2.65 -16.97 31.95
N GLN D 160 2.10 -16.68 30.77
CA GLN D 160 1.33 -15.48 30.54
C GLN D 160 0.09 -15.42 31.42
N ASN D 161 -0.60 -16.55 31.55
CA ASN D 161 -1.74 -16.67 32.43
C ASN D 161 -1.33 -16.45 33.88
N GLU D 162 -0.23 -17.06 34.33
CA GLU D 162 0.30 -16.82 35.68
C GLU D 162 0.63 -15.34 35.95
N ALA D 163 1.30 -14.71 34.99
CA ALA D 163 1.64 -13.30 35.10
C ALA D 163 0.36 -12.43 35.24
N ALA D 164 -0.73 -12.79 34.57
CA ALA D 164 -1.94 -11.98 34.66
C ALA D 164 -2.57 -12.16 36.03
N HIS D 165 -2.56 -13.41 36.51
CA HIS D 165 -3.00 -13.70 37.89
C HIS D 165 -2.24 -12.94 38.95
N ALA D 166 -0.95 -12.69 38.73
CA ALA D 166 -0.13 -12.03 39.74
C ALA D 166 -0.27 -10.50 39.75
N MET D 167 -1.05 -9.95 38.84
CA MET D 167 -1.21 -8.51 38.78
C MET D 167 -2.04 -8.02 39.97
N VAL D 168 -1.73 -6.83 40.46
CA VAL D 168 -2.38 -6.28 41.64
C VAL D 168 -2.91 -4.89 41.32
N LEU D 169 -4.13 -4.60 41.72
CA LEU D 169 -4.67 -3.25 41.59
C LEU D 169 -4.51 -2.53 42.93
N PRO D 170 -3.86 -1.37 42.93
CA PRO D 170 -3.52 -0.69 44.16
C PRO D 170 -4.73 0.07 44.71
N PRO D 171 -4.67 0.46 45.99
CA PRO D 171 -5.73 1.30 46.53
C PRO D 171 -5.77 2.62 45.80
N LEU D 172 -6.94 3.24 45.76
CA LEU D 172 -7.07 4.62 45.28
C LEU D 172 -6.21 5.52 46.14
N GLU D 173 -5.50 6.46 45.50
CA GLU D 173 -4.59 7.39 46.20
C GLU D 173 -5.36 8.62 46.67
#